data_5O6K
#
_entry.id   5O6K
#
_cell.length_a   166.552
_cell.length_b   166.552
_cell.length_c   94.836
_cell.angle_alpha   90.00
_cell.angle_beta   90.00
_cell.angle_gamma   90.00
#
_symmetry.space_group_name_H-M   'P 43 21 2'
#
loop_
_entity.id
_entity.type
_entity.pdbx_description
1 polymer 'Polyphosphate:AMP phosphotransferase'
2 non-polymer 'PHOSPHATE ION'
3 non-polymer DIPHOSPHATE
4 water water
#
_entity_poly.entity_id   1
_entity_poly.type   'polypeptide(L)'
_entity_poly.pdbx_seq_one_letter_code
;MKKYRVQPDGRFELKRFDPDDTSAFEGGKQAALEALAVLNRRLEKLQELLYAEGQHKVLVVLQAMDAGGKDGTIRVVFDG
VNPSGVRVASFGVPTEQELARDYLWRVHQQVPRKGELVIFDRSHYEDVLVVRVKNLVPQQVWQKRYRHIREFERMLADEG
TTILKFFLHISKDEQRQRLQERLDNPEKRWKFRMGDLEDRRLWDRYQEAYEAAIRETSTEYAPWYVIPANKNWYRNWLVS
HILVETLEGLAMQYPQPETASEKIVIE
;
_entity_poly.pdbx_strand_id   A,B,C,D
#
loop_
_chem_comp.id
_chem_comp.type
_chem_comp.name
_chem_comp.formula
DPO non-polymer DIPHOSPHATE 'O7 P2 -4'
PO4 non-polymer 'PHOSPHATE ION' 'O4 P -3'
#
# COMPACT_ATOMS: atom_id res chain seq x y z
N MET A 1 -0.78 2.24 -41.17
CA MET A 1 -0.82 2.86 -39.85
C MET A 1 0.46 2.60 -39.07
N LYS A 2 1.37 1.83 -39.67
CA LYS A 2 2.66 1.54 -39.05
C LYS A 2 3.64 2.71 -39.19
N LYS A 3 3.20 3.83 -39.76
CA LYS A 3 4.08 4.98 -39.92
C LYS A 3 4.44 5.61 -38.59
N TYR A 4 3.53 5.55 -37.61
CA TYR A 4 3.71 6.24 -36.34
C TYR A 4 4.44 5.41 -35.29
N ARG A 5 4.68 4.13 -35.56
CA ARG A 5 5.53 3.32 -34.68
C ARG A 5 6.99 3.67 -34.95
N VAL A 6 7.71 4.10 -33.92
CA VAL A 6 9.13 4.41 -34.06
C VAL A 6 9.92 3.14 -33.82
N GLN A 7 10.81 2.83 -34.74
CA GLN A 7 11.53 1.56 -34.75
C GLN A 7 12.69 1.58 -33.75
N PRO A 8 13.10 0.35 -33.20
CA PRO A 8 14.25 0.27 -32.29
C PRO A 8 15.57 0.25 -33.06
N ASP A 9 15.94 1.39 -33.62
CA ASP A 9 17.20 1.53 -34.34
C ASP A 9 18.06 2.68 -33.85
N GLY A 10 17.63 3.40 -32.81
CA GLY A 10 18.44 4.46 -32.25
C GLY A 10 18.67 5.66 -33.13
N ARG A 11 17.87 5.83 -34.19
CA ARG A 11 17.99 7.01 -35.05
C ARG A 11 16.64 7.69 -35.25
N PHE A 12 15.74 7.56 -34.27
CA PHE A 12 14.49 8.30 -34.29
C PHE A 12 14.77 9.79 -34.20
N GLU A 13 14.12 10.56 -35.07
CA GLU A 13 14.21 12.01 -35.04
C GLU A 13 12.80 12.60 -35.12
N LEU A 14 12.48 13.49 -34.17
CA LEU A 14 11.12 13.99 -34.05
C LEU A 14 10.77 15.00 -35.16
N LYS A 15 11.76 15.45 -35.94
CA LYS A 15 11.50 16.45 -36.97
C LYS A 15 10.63 15.89 -38.09
N ARG A 16 10.74 14.58 -38.38
CA ARG A 16 9.98 13.96 -39.46
C ARG A 16 8.55 13.62 -39.07
N PHE A 17 8.02 14.28 -38.05
CA PHE A 17 6.63 14.12 -37.63
C PHE A 17 6.00 15.50 -37.52
N ASP A 18 4.83 15.67 -38.13
CA ASP A 18 4.14 16.96 -38.14
C ASP A 18 2.92 16.89 -37.25
N PRO A 19 2.77 17.78 -36.27
CA PRO A 19 1.60 17.73 -35.40
C PRO A 19 0.28 17.91 -36.14
N ASP A 20 0.28 18.57 -37.30
CA ASP A 20 -0.91 18.76 -38.09
C ASP A 20 -1.15 17.64 -39.09
N ASP A 21 -0.25 16.66 -39.16
CA ASP A 21 -0.42 15.55 -40.09
C ASP A 21 -1.65 14.74 -39.76
N THR A 22 -2.43 14.42 -40.80
CA THR A 22 -3.63 13.59 -40.67
C THR A 22 -3.74 12.61 -41.81
N SER A 23 -2.60 12.10 -42.31
CA SER A 23 -2.58 11.31 -43.53
C SER A 23 -3.09 9.89 -43.34
N ALA A 24 -3.35 9.46 -42.11
CA ALA A 24 -3.82 8.10 -41.87
C ALA A 24 -5.33 7.96 -42.00
N PHE A 25 -6.06 9.06 -41.92
CA PHE A 25 -7.52 9.05 -42.03
C PHE A 25 -7.93 9.82 -43.27
N GLU A 26 -8.58 9.13 -44.22
CA GLU A 26 -9.04 9.75 -45.46
C GLU A 26 -10.40 10.41 -45.21
N GLY A 27 -10.36 11.48 -44.43
CA GLY A 27 -11.58 12.18 -44.09
C GLY A 27 -11.30 13.33 -43.14
N GLY A 28 -12.39 13.94 -42.65
CA GLY A 28 -12.32 15.06 -41.76
C GLY A 28 -12.79 14.73 -40.35
N LYS A 29 -13.14 15.80 -39.62
CA LYS A 29 -13.56 15.62 -38.23
C LYS A 29 -14.87 14.84 -38.13
N GLN A 30 -15.85 15.16 -38.97
CA GLN A 30 -17.14 14.49 -38.88
C GLN A 30 -17.05 13.02 -39.24
N ALA A 31 -16.28 12.69 -40.28
CA ALA A 31 -16.12 11.29 -40.66
C ALA A 31 -15.38 10.50 -39.59
N ALA A 32 -14.50 11.15 -38.83
CA ALA A 32 -13.77 10.46 -37.77
C ALA A 32 -14.63 10.19 -36.55
N LEU A 33 -15.60 11.06 -36.26
CA LEU A 33 -16.48 10.84 -35.13
C LEU A 33 -17.37 9.63 -35.34
N GLU A 34 -17.58 9.21 -36.58
CA GLU A 34 -18.31 7.98 -36.85
C GLU A 34 -17.39 6.77 -36.74
N ALA A 35 -16.14 6.91 -37.17
CA ALA A 35 -15.18 5.82 -37.01
C ALA A 35 -14.74 5.66 -35.56
N LEU A 36 -14.72 6.76 -34.80
CA LEU A 36 -14.39 6.67 -33.39
C LEU A 36 -15.47 5.91 -32.62
N ALA A 37 -16.74 6.10 -32.99
CA ALA A 37 -17.82 5.41 -32.31
C ALA A 37 -17.75 3.91 -32.52
N VAL A 38 -17.41 3.48 -33.75
CA VAL A 38 -17.31 2.05 -34.03
C VAL A 38 -16.08 1.47 -33.34
N LEU A 39 -14.99 2.24 -33.26
CA LEU A 39 -13.83 1.81 -32.51
C LEU A 39 -14.12 1.74 -31.02
N ASN A 40 -14.90 2.69 -30.51
CA ASN A 40 -15.22 2.72 -29.09
C ASN A 40 -16.06 1.51 -28.69
N ARG A 41 -16.98 1.09 -29.55
CA ARG A 41 -17.78 -0.09 -29.26
C ARG A 41 -16.93 -1.34 -29.25
N ARG A 42 -15.97 -1.44 -30.17
CA ARG A 42 -15.05 -2.58 -30.16
C ARG A 42 -14.17 -2.56 -28.91
N LEU A 43 -13.77 -1.37 -28.46
CA LEU A 43 -12.95 -1.28 -27.26
C LEU A 43 -13.73 -1.74 -26.03
N GLU A 44 -15.02 -1.41 -25.96
CA GLU A 44 -15.84 -1.82 -24.82
C GLU A 44 -15.93 -3.34 -24.73
N LYS A 45 -16.14 -4.01 -25.87
CA LYS A 45 -16.24 -5.47 -25.84
C LYS A 45 -14.87 -6.12 -25.67
N LEU A 46 -13.80 -5.45 -26.07
CA LEU A 46 -12.46 -5.98 -25.85
C LEU A 46 -12.05 -5.87 -24.38
N GLN A 47 -12.44 -4.77 -23.71
CA GLN A 47 -12.06 -4.62 -22.31
C GLN A 47 -12.78 -5.62 -21.43
N GLU A 48 -14.06 -5.89 -21.72
CA GLU A 48 -14.78 -6.92 -20.96
C GLU A 48 -14.21 -8.31 -21.24
N LEU A 49 -13.64 -8.52 -22.43
CA LEU A 49 -12.95 -9.78 -22.71
C LEU A 49 -11.64 -9.85 -21.94
N LEU A 50 -10.95 -8.71 -21.80
CA LEU A 50 -9.73 -8.68 -21.00
C LEU A 50 -10.03 -8.96 -19.54
N TYR A 51 -11.10 -8.34 -19.01
CA TYR A 51 -11.49 -8.59 -17.62
C TYR A 51 -11.95 -10.02 -17.42
N ALA A 52 -12.68 -10.57 -18.39
CA ALA A 52 -13.20 -11.93 -18.24
C ALA A 52 -12.08 -12.96 -18.27
N GLU A 53 -11.17 -12.85 -19.25
CA GLU A 53 -10.07 -13.79 -19.34
C GLU A 53 -9.18 -13.71 -18.11
N GLY A 54 -8.81 -12.50 -17.71
CA GLY A 54 -8.03 -12.31 -16.50
C GLY A 54 -6.63 -12.89 -16.55
N GLN A 55 -5.94 -12.74 -17.68
CA GLN A 55 -4.59 -13.29 -17.81
C GLN A 55 -3.63 -12.22 -18.34
N HIS A 56 -4.12 -11.28 -19.12
CA HIS A 56 -3.28 -10.25 -19.72
C HIS A 56 -3.31 -8.97 -18.89
N LYS A 57 -2.25 -8.19 -19.01
CA LYS A 57 -2.14 -6.88 -18.38
C LYS A 57 -1.84 -5.86 -19.46
N VAL A 58 -2.61 -4.77 -19.48
CA VAL A 58 -2.48 -3.74 -20.50
C VAL A 58 -2.13 -2.42 -19.83
N LEU A 59 -1.02 -1.82 -20.24
CA LEU A 59 -0.54 -0.56 -19.68
C LEU A 59 -0.44 0.46 -20.81
N VAL A 60 -1.22 1.54 -20.70
CA VAL A 60 -1.20 2.62 -21.67
C VAL A 60 -0.51 3.82 -21.04
N VAL A 61 0.60 4.24 -21.63
CA VAL A 61 1.39 5.37 -21.14
C VAL A 61 1.10 6.58 -22.01
N LEU A 62 0.72 7.68 -21.39
CA LEU A 62 0.44 8.94 -22.09
C LEU A 62 1.41 10.00 -21.60
N GLN A 63 2.26 10.49 -22.50
CA GLN A 63 3.18 11.58 -22.22
C GLN A 63 3.02 12.64 -23.30
N ALA A 64 3.06 13.91 -22.89
CA ALA A 64 2.86 15.01 -23.81
C ALA A 64 3.19 16.31 -23.09
N MET A 65 3.45 17.35 -23.89
CA MET A 65 3.61 18.69 -23.35
C MET A 65 2.34 19.14 -22.64
N ASP A 66 2.48 20.21 -21.86
CA ASP A 66 1.32 20.75 -21.15
C ASP A 66 0.25 21.18 -22.15
N ALA A 67 -1.00 20.82 -21.85
CA ALA A 67 -2.14 21.02 -22.74
C ALA A 67 -2.03 20.20 -24.02
N GLY A 68 -1.20 19.15 -24.02
CA GLY A 68 -1.04 18.31 -25.18
C GLY A 68 -2.19 17.37 -25.46
N GLY A 69 -3.13 17.24 -24.53
CA GLY A 69 -4.30 16.41 -24.71
C GLY A 69 -4.32 15.08 -23.99
N LYS A 70 -3.61 14.94 -22.87
CA LYS A 70 -3.62 13.67 -22.15
C LYS A 70 -4.98 13.43 -21.51
N ASP A 71 -5.53 14.45 -20.84
CA ASP A 71 -6.84 14.28 -20.22
C ASP A 71 -7.94 14.12 -21.26
N GLY A 72 -7.82 14.83 -22.38
CA GLY A 72 -8.77 14.63 -23.47
C GLY A 72 -8.74 13.22 -24.02
N THR A 73 -7.55 12.63 -24.13
CA THR A 73 -7.43 11.27 -24.61
C THR A 73 -8.07 10.28 -23.64
N ILE A 74 -7.83 10.46 -22.34
CA ILE A 74 -8.40 9.55 -21.34
C ILE A 74 -9.91 9.62 -21.37
N ARG A 75 -10.47 10.83 -21.40
CA ARG A 75 -11.92 11.00 -21.32
C ARG A 75 -12.61 10.47 -22.56
N VAL A 76 -12.10 10.80 -23.74
CA VAL A 76 -12.82 10.51 -24.98
C VAL A 76 -12.60 9.07 -25.42
N VAL A 77 -11.34 8.62 -25.41
CA VAL A 77 -11.04 7.28 -25.91
C VAL A 77 -11.69 6.22 -25.03
N PHE A 78 -11.67 6.43 -23.71
CA PHE A 78 -12.24 5.49 -22.75
C PHE A 78 -13.64 5.88 -22.32
N ASP A 79 -14.38 6.55 -23.19
CA ASP A 79 -15.78 6.86 -22.93
C ASP A 79 -16.60 5.58 -23.05
N GLY A 80 -17.32 5.21 -22.00
CA GLY A 80 -18.16 4.04 -22.01
C GLY A 80 -17.52 2.79 -21.45
N VAL A 81 -16.20 2.77 -21.31
CA VAL A 81 -15.52 1.59 -20.78
C VAL A 81 -15.95 1.35 -19.34
N ASN A 82 -16.05 0.07 -18.98
CA ASN A 82 -16.51 -0.31 -17.65
C ASN A 82 -15.53 0.21 -16.59
N PRO A 83 -15.98 0.98 -15.60
CA PRO A 83 -15.04 1.47 -14.58
C PRO A 83 -14.39 0.37 -13.77
N SER A 84 -15.00 -0.82 -13.69
CA SER A 84 -14.42 -1.92 -12.95
C SER A 84 -13.22 -2.55 -13.65
N GLY A 85 -12.93 -2.14 -14.88
CA GLY A 85 -11.86 -2.77 -15.63
C GLY A 85 -10.77 -1.83 -16.09
N VAL A 86 -10.94 -0.52 -15.87
CA VAL A 86 -9.95 0.47 -16.27
C VAL A 86 -9.70 1.42 -15.10
N ARG A 87 -8.45 1.82 -14.92
CA ARG A 87 -8.04 2.68 -13.82
C ARG A 87 -6.95 3.64 -14.31
N VAL A 88 -7.02 4.88 -13.84
CA VAL A 88 -6.08 5.93 -14.23
C VAL A 88 -5.13 6.18 -13.06
N ALA A 89 -3.83 6.12 -13.34
CA ALA A 89 -2.79 6.40 -12.35
C ALA A 89 -2.05 7.66 -12.78
N SER A 90 -2.24 8.74 -12.03
CA SER A 90 -1.62 10.02 -12.31
C SER A 90 -0.36 10.18 -11.47
N PHE A 91 0.73 10.62 -12.10
CA PHE A 91 2.03 10.79 -11.45
C PHE A 91 2.43 12.26 -11.53
N GLY A 92 2.10 13.01 -10.48
CA GLY A 92 2.50 14.40 -10.37
C GLY A 92 3.91 14.54 -9.85
N VAL A 93 4.18 15.67 -9.21
CA VAL A 93 5.51 15.88 -8.61
C VAL A 93 5.67 14.94 -7.42
N PRO A 94 6.86 14.36 -7.21
CA PRO A 94 6.99 13.32 -6.19
C PRO A 94 6.97 13.91 -4.78
N THR A 95 6.54 13.07 -3.83
CA THR A 95 6.56 13.43 -2.43
C THR A 95 7.90 13.04 -1.80
N GLU A 96 8.12 13.52 -0.57
CA GLU A 96 9.35 13.18 0.14
C GLU A 96 9.41 11.68 0.43
N GLN A 97 8.25 11.09 0.76
CA GLN A 97 8.18 9.64 0.93
C GLN A 97 8.51 8.93 -0.38
N GLU A 98 8.02 9.46 -1.50
CA GLU A 98 8.25 8.82 -2.79
C GLU A 98 9.66 9.08 -3.31
N LEU A 99 10.28 10.20 -2.93
CA LEU A 99 11.66 10.46 -3.31
C LEU A 99 12.66 9.70 -2.45
N ALA A 100 12.24 9.18 -1.29
CA ALA A 100 13.13 8.43 -0.43
C ALA A 100 13.52 7.09 -1.03
N ARG A 101 12.77 6.60 -2.02
CA ARG A 101 13.09 5.38 -2.73
C ARG A 101 13.51 5.75 -4.16
N ASP A 102 13.63 4.73 -5.01
CA ASP A 102 13.92 4.98 -6.41
C ASP A 102 12.72 5.62 -7.10
N TYR A 103 13.00 6.26 -8.25
CA TYR A 103 11.94 6.90 -9.01
C TYR A 103 10.95 5.89 -9.58
N LEU A 104 11.37 4.64 -9.76
CA LEU A 104 10.47 3.58 -10.24
C LEU A 104 9.63 2.98 -9.13
N TRP A 105 9.87 3.35 -7.87
CA TRP A 105 9.14 2.74 -6.76
C TRP A 105 7.66 3.10 -6.81
N ARG A 106 7.34 4.38 -6.95
CA ARG A 106 5.93 4.78 -6.99
C ARG A 106 5.26 4.34 -8.29
N VAL A 107 6.03 4.24 -9.38
CA VAL A 107 5.45 3.83 -10.65
C VAL A 107 5.14 2.35 -10.65
N HIS A 108 6.02 1.53 -10.07
CA HIS A 108 5.78 0.09 -10.03
C HIS A 108 4.56 -0.26 -9.21
N GLN A 109 4.22 0.56 -8.21
CA GLN A 109 3.06 0.29 -7.37
C GLN A 109 1.76 0.30 -8.17
N GLN A 110 1.70 1.11 -9.22
CA GLN A 110 0.48 1.28 -10.01
C GLN A 110 0.45 0.40 -11.25
N VAL A 111 1.42 -0.50 -11.41
CA VAL A 111 1.45 -1.39 -12.58
C VAL A 111 0.15 -2.19 -12.64
N PRO A 112 -0.42 -2.40 -13.82
CA PRO A 112 -1.69 -3.15 -13.90
C PRO A 112 -1.53 -4.60 -13.51
N ARG A 113 -2.58 -5.15 -12.90
CA ARG A 113 -2.65 -6.57 -12.59
C ARG A 113 -3.26 -7.30 -13.79
N LYS A 114 -3.53 -8.59 -13.63
CA LYS A 114 -4.11 -9.36 -14.72
C LYS A 114 -5.57 -9.03 -14.91
N GLY A 115 -5.98 -8.87 -16.17
CA GLY A 115 -7.34 -8.50 -16.50
C GLY A 115 -7.67 -7.04 -16.29
N GLU A 116 -6.67 -6.18 -16.16
CA GLU A 116 -6.87 -4.76 -15.89
C GLU A 116 -6.14 -3.94 -16.94
N LEU A 117 -6.72 -2.79 -17.27
CA LEU A 117 -6.10 -1.82 -18.17
C LEU A 117 -5.85 -0.55 -17.37
N VAL A 118 -4.59 -0.14 -17.27
CA VAL A 118 -4.20 1.02 -16.48
C VAL A 118 -3.62 2.08 -17.41
N ILE A 119 -4.09 3.31 -17.25
CA ILE A 119 -3.61 4.46 -18.01
C ILE A 119 -2.68 5.26 -17.11
N PHE A 120 -1.44 5.43 -17.54
CA PHE A 120 -0.47 6.24 -16.80
C PHE A 120 -0.60 7.69 -17.28
N ASP A 121 -1.30 8.51 -16.50
CA ASP A 121 -1.36 9.94 -16.75
C ASP A 121 -0.02 10.54 -16.34
N ARG A 122 0.90 10.62 -17.31
CA ARG A 122 2.34 10.81 -17.06
C ARG A 122 2.89 9.60 -16.31
N SER A 123 4.14 9.25 -16.56
CA SER A 123 4.67 7.98 -16.09
C SER A 123 6.09 8.19 -15.59
N HIS A 124 6.84 7.09 -15.46
CA HIS A 124 8.24 7.12 -15.06
C HIS A 124 9.12 7.90 -16.02
N TYR A 125 8.62 8.21 -17.22
CA TYR A 125 9.39 9.01 -18.17
C TYR A 125 9.54 10.46 -17.71
N GLU A 126 8.72 10.90 -16.75
CA GLU A 126 8.94 12.22 -16.17
C GLU A 126 10.31 12.34 -15.51
N ASP A 127 10.92 11.22 -15.13
CA ASP A 127 12.23 11.23 -14.51
C ASP A 127 13.37 11.23 -15.53
N VAL A 128 13.06 11.42 -16.82
CA VAL A 128 14.08 11.59 -17.84
C VAL A 128 13.67 12.75 -18.73
N LEU A 129 12.65 13.51 -18.30
CA LEU A 129 12.22 14.70 -19.02
C LEU A 129 12.30 15.94 -18.13
N VAL A 130 11.34 16.10 -17.22
CA VAL A 130 11.33 17.31 -16.39
C VAL A 130 12.54 17.31 -15.46
N VAL A 131 13.02 16.13 -15.07
CA VAL A 131 14.22 16.05 -14.25
C VAL A 131 15.46 16.29 -15.09
N ARG A 132 15.41 16.02 -16.39
CA ARG A 132 16.52 16.32 -17.27
C ARG A 132 16.53 17.78 -17.69
N VAL A 133 15.36 18.34 -18.01
CA VAL A 133 15.30 19.72 -18.49
C VAL A 133 15.65 20.69 -17.37
N LYS A 134 15.14 20.45 -16.17
CA LYS A 134 15.35 21.35 -15.05
C LYS A 134 16.51 20.94 -14.15
N ASN A 135 17.23 19.87 -14.50
CA ASN A 135 18.42 19.44 -13.76
C ASN A 135 18.13 19.20 -12.28
N LEU A 136 17.03 18.49 -12.01
CA LEU A 136 16.70 18.16 -10.63
C LEU A 136 17.67 17.13 -10.05
N VAL A 137 18.39 16.41 -10.91
CA VAL A 137 19.47 15.51 -10.51
C VAL A 137 20.61 15.70 -11.48
N PRO A 138 21.83 15.36 -11.06
CA PRO A 138 22.97 15.50 -11.98
C PRO A 138 22.75 14.71 -13.26
N GLN A 139 23.40 15.17 -14.34
CA GLN A 139 23.28 14.50 -15.63
C GLN A 139 23.87 13.10 -15.59
N GLN A 140 24.80 12.84 -14.66
CA GLN A 140 25.43 11.54 -14.57
C GLN A 140 24.45 10.45 -14.14
N VAL A 141 23.49 10.78 -13.28
CA VAL A 141 22.62 9.75 -12.72
C VAL A 141 21.41 9.46 -13.62
N TRP A 142 20.84 10.46 -14.29
CA TRP A 142 19.65 10.18 -15.09
C TRP A 142 19.97 9.65 -16.48
N GLN A 143 21.22 9.74 -16.93
CA GLN A 143 21.60 9.06 -18.17
C GLN A 143 21.50 7.55 -18.01
N LYS A 144 21.69 7.04 -16.78
CA LYS A 144 21.57 5.62 -16.52
C LYS A 144 20.12 5.15 -16.53
N ARG A 145 19.16 6.07 -16.41
CA ARG A 145 17.76 5.70 -16.32
C ARG A 145 17.18 5.24 -17.65
N TYR A 146 17.82 5.54 -18.78
CA TYR A 146 17.39 4.97 -20.05
C TYR A 146 17.46 3.45 -20.03
N ARG A 147 18.50 2.90 -19.41
CA ARG A 147 18.64 1.44 -19.33
C ARG A 147 17.68 0.84 -18.31
N HIS A 148 17.44 1.54 -17.21
CA HIS A 148 16.49 1.04 -16.21
C HIS A 148 15.09 0.89 -16.80
N ILE A 149 14.65 1.89 -17.57
CA ILE A 149 13.30 1.84 -18.13
C ILE A 149 13.17 0.71 -19.14
N ARG A 150 14.16 0.55 -20.03
CA ARG A 150 14.11 -0.54 -20.99
C ARG A 150 14.00 -1.89 -20.30
N GLU A 151 14.76 -2.08 -19.22
CA GLU A 151 14.77 -3.37 -18.53
C GLU A 151 13.58 -3.53 -17.60
N PHE A 152 13.12 -2.44 -16.98
CA PHE A 152 11.89 -2.50 -16.20
C PHE A 152 10.70 -2.86 -17.08
N GLU A 153 10.64 -2.27 -18.27
CA GLU A 153 9.55 -2.58 -19.19
C GLU A 153 9.66 -3.99 -19.76
N ARG A 154 10.90 -4.47 -19.99
CA ARG A 154 11.05 -5.87 -20.41
C ARG A 154 10.57 -6.82 -19.32
N MET A 155 10.88 -6.51 -18.07
CA MET A 155 10.40 -7.35 -16.97
C MET A 155 8.88 -7.40 -16.95
N LEU A 156 8.23 -6.25 -17.14
CA LEU A 156 6.77 -6.22 -17.20
C LEU A 156 6.26 -7.04 -18.39
N ALA A 157 6.86 -6.84 -19.56
CA ALA A 157 6.38 -7.51 -20.77
C ALA A 157 6.55 -9.02 -20.67
N ASP A 158 7.72 -9.48 -20.24
CA ASP A 158 7.96 -10.91 -20.10
C ASP A 158 7.05 -11.57 -19.08
N GLU A 159 6.50 -10.79 -18.14
CA GLU A 159 5.58 -11.32 -17.13
C GLU A 159 4.12 -11.06 -17.48
N GLY A 160 3.82 -10.79 -18.75
CA GLY A 160 2.46 -10.74 -19.22
C GLY A 160 1.82 -9.37 -19.32
N THR A 161 2.60 -8.31 -19.50
CA THR A 161 2.07 -6.96 -19.62
C THR A 161 2.26 -6.47 -21.04
N THR A 162 1.16 -6.10 -21.70
CA THR A 162 1.20 -5.48 -23.01
C THR A 162 1.30 -3.97 -22.84
N ILE A 163 2.38 -3.38 -23.36
CA ILE A 163 2.71 -1.98 -23.12
C ILE A 163 2.44 -1.19 -24.39
N LEU A 164 1.70 -0.10 -24.26
CA LEU A 164 1.48 0.86 -25.34
C LEU A 164 1.81 2.25 -24.81
N LYS A 165 2.73 2.94 -25.47
CA LYS A 165 3.19 4.26 -25.06
C LYS A 165 2.93 5.26 -26.16
N PHE A 166 2.12 6.27 -25.87
CA PHE A 166 1.71 7.28 -26.84
C PHE A 166 2.29 8.63 -26.46
N PHE A 167 2.97 9.27 -27.42
CA PHE A 167 3.44 10.64 -27.26
C PHE A 167 2.56 11.55 -28.11
N LEU A 168 1.71 12.34 -27.44
CA LEU A 168 0.81 13.25 -28.13
C LEU A 168 1.61 14.47 -28.58
N HIS A 169 1.79 14.61 -29.89
CA HIS A 169 2.67 15.63 -30.46
C HIS A 169 1.86 16.85 -30.85
N ILE A 170 2.16 17.98 -30.21
CA ILE A 170 1.55 19.26 -30.55
C ILE A 170 2.67 20.27 -30.83
N SER A 171 2.34 21.27 -31.65
CA SER A 171 3.32 22.28 -31.99
C SER A 171 3.41 23.34 -30.90
N LYS A 172 4.48 24.14 -30.96
CA LYS A 172 4.66 25.20 -29.98
C LYS A 172 3.59 26.27 -30.13
N ASP A 173 3.17 26.55 -31.37
CA ASP A 173 2.16 27.57 -31.60
C ASP A 173 0.79 27.12 -31.12
N GLU A 174 0.45 25.85 -31.35
CA GLU A 174 -0.84 25.34 -30.91
C GLU A 174 -0.98 25.35 -29.39
N GLN A 175 0.12 25.10 -28.67
CA GLN A 175 0.07 25.16 -27.22
C GLN A 175 -0.23 26.58 -26.74
N ARG A 176 0.29 27.58 -27.46
CA ARG A 176 -0.02 28.97 -27.11
C ARG A 176 -1.52 29.24 -27.18
N GLN A 177 -2.21 28.61 -28.14
CA GLN A 177 -3.64 28.80 -28.27
C GLN A 177 -4.40 28.11 -27.14
N ARG A 178 -4.04 26.87 -26.82
CA ARG A 178 -4.76 26.13 -25.80
C ARG A 178 -4.54 26.70 -24.41
N LEU A 179 -3.35 27.22 -24.13
CA LEU A 179 -3.09 27.80 -22.81
C LEU A 179 -3.84 29.11 -22.64
N GLN A 180 -3.93 29.91 -23.71
CA GLN A 180 -4.73 31.13 -23.64
C GLN A 180 -6.22 30.81 -23.56
N GLU A 181 -6.65 29.75 -24.27
CA GLU A 181 -8.03 29.29 -24.16
C GLU A 181 -8.33 28.78 -22.76
N ARG A 182 -7.34 28.14 -22.13
CA ARG A 182 -7.51 27.66 -20.76
C ARG A 182 -7.71 28.82 -19.79
N LEU A 183 -7.06 29.96 -20.05
CA LEU A 183 -7.23 31.12 -19.19
C LEU A 183 -8.58 31.78 -19.39
N ASP A 184 -9.13 31.74 -20.59
CA ASP A 184 -10.40 32.38 -20.91
C ASP A 184 -11.60 31.46 -20.73
N ASN A 185 -11.43 30.36 -19.99
CA ASN A 185 -12.53 29.42 -19.74
C ASN A 185 -12.83 29.39 -18.25
N PRO A 186 -14.01 29.83 -17.81
CA PRO A 186 -14.34 29.78 -16.38
C PRO A 186 -14.19 28.41 -15.76
N GLU A 187 -14.54 27.35 -16.50
CA GLU A 187 -14.53 25.99 -15.97
C GLU A 187 -13.18 25.30 -16.12
N LYS A 188 -12.14 26.01 -16.57
CA LYS A 188 -10.86 25.37 -16.85
C LYS A 188 -9.64 26.16 -16.41
N ARG A 189 -9.81 27.34 -15.79
CA ARG A 189 -8.64 28.10 -15.36
C ARG A 189 -7.93 27.44 -14.18
N TRP A 190 -8.67 26.67 -13.37
CA TRP A 190 -8.09 26.01 -12.21
C TRP A 190 -6.91 25.11 -12.60
N LYS A 191 -6.95 24.52 -13.80
CA LYS A 191 -5.85 23.68 -14.26
C LYS A 191 -4.57 24.50 -14.45
N PHE A 192 -4.70 25.78 -14.75
CA PHE A 192 -3.53 26.62 -15.01
C PHE A 192 -2.90 27.07 -13.70
N ARG A 193 -1.60 26.78 -13.56
CA ARG A 193 -0.78 27.29 -12.48
C ARG A 193 0.27 28.23 -13.05
N MET A 194 0.70 29.19 -12.25
CA MET A 194 1.68 30.17 -12.73
C MET A 194 3.03 29.52 -13.06
N GLY A 195 3.28 28.32 -12.57
CA GLY A 195 4.49 27.58 -12.90
C GLY A 195 4.45 26.86 -14.22
N ASP A 196 3.36 26.98 -14.97
CA ASP A 196 3.24 26.31 -16.26
C ASP A 196 3.87 27.11 -17.40
N LEU A 197 4.34 28.34 -17.14
CA LEU A 197 4.90 29.17 -18.19
C LEU A 197 6.42 29.04 -18.31
N GLU A 198 7.11 28.69 -17.23
CA GLU A 198 8.53 28.40 -17.35
C GLU A 198 8.77 27.16 -18.20
N ASP A 199 7.91 26.15 -18.05
CA ASP A 199 7.96 24.99 -18.94
C ASP A 199 7.70 25.40 -20.38
N ARG A 200 6.81 26.38 -20.58
CA ARG A 200 6.57 26.92 -21.92
C ARG A 200 7.80 27.62 -22.46
N ARG A 201 8.57 28.26 -21.59
CA ARG A 201 9.82 28.89 -22.01
C ARG A 201 10.89 27.85 -22.34
N LEU A 202 10.85 26.69 -21.69
CA LEU A 202 11.75 25.59 -22.00
C LEU A 202 11.16 24.63 -23.04
N TRP A 203 10.44 25.16 -24.04
CA TRP A 203 9.80 24.29 -25.01
C TRP A 203 10.82 23.43 -25.76
N ASP A 204 11.88 24.06 -26.28
CA ASP A 204 12.85 23.33 -27.08
C ASP A 204 13.59 22.30 -26.24
N ARG A 205 13.87 22.63 -24.97
CA ARG A 205 14.57 21.68 -24.11
C ARG A 205 13.72 20.43 -23.85
N TYR A 206 12.41 20.62 -23.68
CA TYR A 206 11.53 19.47 -23.50
C TYR A 206 11.44 18.63 -24.77
N GLN A 207 11.58 19.25 -25.94
CA GLN A 207 11.52 18.48 -27.19
C GLN A 207 12.79 17.68 -27.41
N GLU A 208 13.95 18.20 -27.00
CA GLU A 208 15.17 17.41 -27.05
C GLU A 208 15.11 16.24 -26.08
N ALA A 209 14.49 16.44 -24.91
CA ALA A 209 14.34 15.37 -23.94
C ALA A 209 13.41 14.28 -24.45
N TYR A 210 12.27 14.67 -25.02
CA TYR A 210 11.33 13.69 -25.57
C TYR A 210 11.94 12.92 -26.72
N GLU A 211 12.73 13.59 -27.57
CA GLU A 211 13.37 12.90 -28.68
C GLU A 211 14.36 11.85 -28.18
N ALA A 212 15.17 12.20 -27.19
CA ALA A 212 16.13 11.25 -26.65
C ALA A 212 15.43 10.11 -25.90
N ALA A 213 14.41 10.44 -25.09
CA ALA A 213 13.69 9.42 -24.35
C ALA A 213 13.04 8.42 -25.28
N ILE A 214 12.40 8.90 -26.35
CA ILE A 214 11.76 8.00 -27.30
C ILE A 214 12.79 7.20 -28.09
N ARG A 215 13.90 7.84 -28.46
CA ARG A 215 14.93 7.14 -29.21
C ARG A 215 15.54 5.99 -28.41
N GLU A 216 15.61 6.13 -27.09
CA GLU A 216 16.26 5.13 -26.25
C GLU A 216 15.30 4.03 -25.79
N THR A 217 14.08 4.39 -25.40
CA THR A 217 13.18 3.45 -24.75
C THR A 217 12.18 2.78 -25.69
N SER A 218 12.12 3.18 -26.96
CA SER A 218 11.22 2.52 -27.91
C SER A 218 11.81 1.18 -28.29
N THR A 219 11.15 0.10 -27.87
CA THR A 219 11.63 -1.26 -28.10
C THR A 219 10.54 -2.07 -28.79
N GLU A 220 10.85 -3.34 -29.05
CA GLU A 220 9.88 -4.25 -29.64
C GLU A 220 8.86 -4.73 -28.62
N TYR A 221 9.21 -4.75 -27.33
CA TYR A 221 8.30 -5.15 -26.28
C TYR A 221 7.53 -3.97 -25.70
N ALA A 222 8.06 -2.75 -25.81
CA ALA A 222 7.39 -1.54 -25.34
C ALA A 222 7.63 -0.44 -26.36
N PRO A 223 6.83 -0.40 -27.41
CA PRO A 223 7.06 0.58 -28.48
C PRO A 223 6.47 1.95 -28.16
N TRP A 224 7.08 2.96 -28.78
CA TRP A 224 6.58 4.32 -28.73
C TRP A 224 5.74 4.61 -29.96
N TYR A 225 4.65 5.35 -29.78
CA TYR A 225 3.82 5.83 -30.88
C TYR A 225 3.75 7.35 -30.81
N VAL A 226 4.08 8.02 -31.92
CA VAL A 226 3.96 9.46 -32.02
C VAL A 226 2.60 9.78 -32.63
N ILE A 227 1.80 10.55 -31.90
CA ILE A 227 0.43 10.86 -32.33
C ILE A 227 0.29 12.34 -32.58
N PRO A 228 0.07 12.77 -33.83
CA PRO A 228 -0.22 14.19 -34.09
C PRO A 228 -1.48 14.63 -33.35
N ALA A 229 -1.30 15.46 -32.33
CA ALA A 229 -2.39 15.82 -31.42
C ALA A 229 -2.81 17.27 -31.53
N ASN A 230 -2.51 17.92 -32.66
CA ASN A 230 -3.02 19.27 -32.89
C ASN A 230 -4.51 19.26 -33.17
N LYS A 231 -5.05 18.14 -33.67
CA LYS A 231 -6.48 17.99 -33.93
C LYS A 231 -7.01 16.89 -33.02
N ASN A 232 -7.86 17.27 -32.07
CA ASN A 232 -8.37 16.31 -31.09
C ASN A 232 -9.08 15.15 -31.77
N TRP A 233 -9.82 15.42 -32.85
CA TRP A 233 -10.54 14.35 -33.53
C TRP A 233 -9.58 13.33 -34.14
N TYR A 234 -8.42 13.77 -34.61
CA TYR A 234 -7.45 12.85 -35.19
C TYR A 234 -6.64 12.16 -34.10
N ARG A 235 -6.31 12.89 -33.03
CA ARG A 235 -5.62 12.28 -31.90
C ARG A 235 -6.47 11.20 -31.24
N ASN A 236 -7.76 11.50 -31.04
CA ASN A 236 -8.65 10.53 -30.38
C ASN A 236 -8.88 9.31 -31.26
N TRP A 237 -8.94 9.49 -32.58
CA TRP A 237 -9.17 8.36 -33.47
C TRP A 237 -7.94 7.48 -33.58
N LEU A 238 -6.75 8.08 -33.71
CA LEU A 238 -5.55 7.29 -33.98
C LEU A 238 -5.14 6.48 -32.76
N VAL A 239 -5.22 7.08 -31.57
CA VAL A 239 -4.94 6.33 -30.34
C VAL A 239 -5.94 5.20 -30.16
N SER A 240 -7.21 5.44 -30.51
CA SER A 240 -8.22 4.40 -30.40
C SER A 240 -7.97 3.28 -31.40
N HIS A 241 -7.47 3.61 -32.59
CA HIS A 241 -7.19 2.57 -33.59
C HIS A 241 -6.06 1.66 -33.15
N ILE A 242 -4.95 2.25 -32.69
CA ILE A 242 -3.80 1.46 -32.29
C ILE A 242 -4.14 0.58 -31.08
N LEU A 243 -4.96 1.10 -30.17
CA LEU A 243 -5.31 0.34 -28.97
C LEU A 243 -6.22 -0.84 -29.31
N VAL A 244 -7.23 -0.62 -30.16
CA VAL A 244 -8.16 -1.69 -30.50
C VAL A 244 -7.45 -2.80 -31.27
N GLU A 245 -6.61 -2.44 -32.23
CA GLU A 245 -5.94 -3.46 -33.03
C GLU A 245 -4.89 -4.22 -32.21
N THR A 246 -4.31 -3.58 -31.20
CA THR A 246 -3.37 -4.28 -30.34
C THR A 246 -4.09 -5.25 -29.40
N LEU A 247 -5.25 -4.85 -28.88
CA LEU A 247 -6.03 -5.74 -28.02
C LEU A 247 -6.54 -6.94 -28.80
N GLU A 248 -7.02 -6.72 -30.02
CA GLU A 248 -7.47 -7.83 -30.86
C GLU A 248 -6.31 -8.72 -31.26
N GLY A 249 -5.10 -8.18 -31.34
CA GLY A 249 -3.92 -8.97 -31.63
C GLY A 249 -3.60 -10.00 -30.57
N LEU A 250 -4.04 -9.79 -29.32
CA LEU A 250 -3.76 -10.74 -28.26
C LEU A 250 -4.60 -12.01 -28.39
N ALA A 251 -5.66 -11.98 -29.19
CA ALA A 251 -6.48 -13.15 -29.50
C ALA A 251 -6.98 -13.84 -28.23
N MET A 252 -7.48 -13.03 -27.30
CA MET A 252 -7.96 -13.55 -26.04
C MET A 252 -9.31 -14.26 -26.21
N GLN A 253 -9.60 -15.16 -25.27
CA GLN A 253 -10.80 -15.99 -25.32
C GLN A 253 -11.48 -15.98 -23.97
N TYR A 254 -12.80 -16.17 -23.98
CA TYR A 254 -13.52 -16.26 -22.72
C TYR A 254 -13.17 -17.56 -22.01
N PRO A 255 -13.01 -17.53 -20.69
CA PRO A 255 -12.78 -18.78 -19.95
C PRO A 255 -14.08 -19.58 -19.87
N GLN A 256 -14.02 -20.84 -20.34
CA GLN A 256 -15.16 -21.73 -20.23
C GLN A 256 -14.94 -22.66 -19.05
N PRO A 257 -15.77 -22.59 -18.01
CA PRO A 257 -15.54 -23.43 -16.81
C PRO A 257 -15.88 -24.90 -17.02
N GLU A 258 -16.35 -25.54 -15.96
CA GLU A 258 -16.63 -26.98 -15.95
C GLU A 258 -15.40 -27.78 -16.38
N MET B 1 35.13 -12.31 4.08
CA MET B 1 35.94 -11.16 3.69
C MET B 1 35.93 -11.02 2.16
N LYS B 2 37.01 -11.45 1.52
CA LYS B 2 37.05 -11.57 0.08
C LYS B 2 37.13 -13.02 -0.38
N LYS B 3 37.26 -13.97 0.54
CA LYS B 3 37.21 -15.38 0.20
C LYS B 3 35.81 -15.77 -0.28
N TYR B 4 34.78 -15.17 0.30
CA TYR B 4 33.41 -15.61 0.12
C TYR B 4 32.63 -14.76 -0.87
N ARG B 5 33.22 -13.67 -1.35
CA ARG B 5 32.64 -12.88 -2.44
C ARG B 5 32.82 -13.63 -3.75
N VAL B 6 31.72 -13.91 -4.43
CA VAL B 6 31.75 -14.56 -5.73
C VAL B 6 31.83 -13.48 -6.80
N GLN B 7 32.79 -13.62 -7.70
CA GLN B 7 33.03 -12.57 -8.66
C GLN B 7 32.11 -12.71 -9.87
N PRO B 8 31.75 -11.47 -10.61
CA PRO B 8 30.83 -11.53 -11.76
C PRO B 8 31.52 -11.99 -13.05
N ASP B 9 31.86 -13.28 -13.07
CA ASP B 9 32.47 -13.89 -14.24
C ASP B 9 31.76 -15.15 -14.70
N GLY B 10 30.66 -15.55 -14.07
CA GLY B 10 29.95 -16.74 -14.47
C GLY B 10 30.73 -18.03 -14.23
N ARG B 11 31.74 -17.99 -13.38
CA ARG B 11 32.58 -19.14 -13.08
C ARG B 11 32.23 -19.77 -11.73
N PHE B 12 31.27 -19.22 -11.01
CA PHE B 12 30.97 -19.69 -9.66
C PHE B 12 30.53 -21.14 -9.67
N GLU B 13 31.10 -21.93 -8.76
CA GLU B 13 30.72 -23.32 -8.55
C GLU B 13 30.49 -23.53 -7.06
N LEU B 14 29.33 -24.09 -6.71
CA LEU B 14 28.94 -24.15 -5.31
C LEU B 14 29.76 -25.18 -4.52
N LYS B 15 30.26 -26.21 -5.19
CA LYS B 15 31.04 -27.24 -4.52
C LYS B 15 32.39 -26.72 -4.03
N ARG B 16 32.81 -25.52 -4.44
CA ARG B 16 34.02 -24.90 -3.95
C ARG B 16 33.88 -24.29 -2.57
N PHE B 17 32.72 -24.48 -1.93
CA PHE B 17 32.45 -23.93 -0.61
C PHE B 17 31.96 -25.04 0.30
N ASP B 18 32.52 -25.13 1.50
CA ASP B 18 32.17 -26.16 2.47
C ASP B 18 31.38 -25.54 3.61
N PRO B 19 30.19 -26.04 3.92
CA PRO B 19 29.39 -25.43 4.99
C PRO B 19 30.07 -25.47 6.35
N ASP B 20 30.98 -26.41 6.58
CA ASP B 20 31.72 -26.49 7.83
C ASP B 20 33.00 -25.69 7.83
N ASP B 21 33.34 -25.04 6.72
CA ASP B 21 34.55 -24.24 6.64
C ASP B 21 34.50 -23.09 7.62
N THR B 22 35.62 -22.88 8.33
CA THR B 22 35.77 -21.78 9.27
C THR B 22 37.16 -21.16 9.17
N SER B 23 37.73 -21.14 7.97
CA SER B 23 39.12 -20.75 7.78
C SER B 23 39.37 -19.25 7.87
N ALA B 24 38.32 -18.44 7.94
CA ALA B 24 38.52 -16.99 7.99
C ALA B 24 38.79 -16.48 9.40
N PHE B 25 38.41 -17.22 10.43
CA PHE B 25 38.63 -16.83 11.81
C PHE B 25 39.58 -17.82 12.45
N GLU B 26 40.71 -17.32 12.95
CA GLU B 26 41.73 -18.17 13.57
C GLU B 26 41.40 -18.41 15.05
N GLY B 27 40.26 -19.04 15.27
CA GLY B 27 39.82 -19.31 16.62
C GLY B 27 38.57 -20.16 16.64
N GLY B 28 38.00 -20.30 17.83
CA GLY B 28 36.82 -21.11 18.05
C GLY B 28 35.60 -20.27 18.38
N LYS B 29 34.62 -20.93 18.99
CA LYS B 29 33.37 -20.25 19.34
C LYS B 29 33.61 -19.15 20.37
N GLN B 30 34.37 -19.46 21.42
CA GLN B 30 34.56 -18.50 22.51
C GLN B 30 35.33 -17.27 22.04
N ALA B 31 36.24 -17.43 21.07
CA ALA B 31 37.00 -16.28 20.60
C ALA B 31 36.21 -15.44 19.60
N ALA B 32 35.31 -16.06 18.84
CA ALA B 32 34.53 -15.31 17.87
C ALA B 32 33.41 -14.52 18.53
N LEU B 33 32.85 -15.04 19.62
CA LEU B 33 31.82 -14.30 20.34
C LEU B 33 32.37 -13.02 20.94
N GLU B 34 33.69 -12.93 21.12
CA GLU B 34 34.32 -11.68 21.52
C GLU B 34 34.47 -10.75 20.34
N ALA B 35 34.76 -11.30 19.15
CA ALA B 35 34.78 -10.50 17.93
C ALA B 35 33.38 -10.11 17.49
N LEU B 36 32.39 -10.95 17.78
CA LEU B 36 31.00 -10.60 17.47
C LEU B 36 30.51 -9.44 18.32
N ALA B 37 30.93 -9.39 19.59
CA ALA B 37 30.49 -8.32 20.47
C ALA B 37 31.04 -6.96 20.02
N VAL B 38 32.31 -6.92 19.63
CA VAL B 38 32.89 -5.65 19.19
C VAL B 38 32.34 -5.25 17.83
N LEU B 39 32.06 -6.22 16.95
CA LEU B 39 31.42 -5.92 15.69
C LEU B 39 30.00 -5.42 15.88
N ASN B 40 29.29 -5.97 16.87
CA ASN B 40 27.90 -5.56 17.10
C ASN B 40 27.83 -4.10 17.54
N ARG B 41 28.79 -3.65 18.34
CA ARG B 41 28.80 -2.24 18.74
C ARG B 41 29.10 -1.33 17.56
N ARG B 42 29.99 -1.77 16.65
CA ARG B 42 30.26 -1.00 15.45
C ARG B 42 29.05 -0.95 14.54
N LEU B 43 28.29 -2.04 14.45
CA LEU B 43 27.07 -2.05 13.66
C LEU B 43 26.03 -1.09 14.25
N GLU B 44 25.93 -1.05 15.57
CA GLU B 44 24.97 -0.14 16.21
C GLU B 44 25.33 1.31 15.92
N LYS B 45 26.61 1.66 16.01
CA LYS B 45 27.03 3.03 15.76
C LYS B 45 27.02 3.38 14.28
N LEU B 46 27.17 2.38 13.41
CA LEU B 46 27.07 2.64 11.97
C LEU B 46 25.62 2.86 11.54
N GLN B 47 24.69 2.12 12.15
CA GLN B 47 23.28 2.26 11.79
C GLN B 47 22.73 3.61 12.22
N GLU B 48 23.14 4.09 13.40
CA GLU B 48 22.73 5.42 13.83
C GLU B 48 23.34 6.50 12.94
N LEU B 49 24.51 6.22 12.37
CA LEU B 49 25.08 7.14 11.39
C LEU B 49 24.29 7.10 10.09
N LEU B 50 23.81 5.91 9.70
CA LEU B 50 22.98 5.79 8.51
C LEU B 50 21.65 6.50 8.67
N TYR B 51 20.99 6.34 9.82
CA TYR B 51 19.72 7.01 10.06
C TYR B 51 19.89 8.52 10.17
N ALA B 52 20.96 8.97 10.82
CA ALA B 52 21.17 10.41 11.01
C ALA B 52 21.48 11.10 9.70
N GLU B 53 22.42 10.55 8.93
CA GLU B 53 22.77 11.15 7.65
C GLU B 53 21.58 11.15 6.70
N GLY B 54 20.87 10.02 6.62
CA GLY B 54 19.67 9.94 5.82
C GLY B 54 19.88 10.10 4.33
N GLN B 55 20.89 9.46 3.77
CA GLN B 55 21.17 9.60 2.34
C GLN B 55 21.35 8.24 1.67
N HIS B 56 21.82 7.26 2.42
CA HIS B 56 22.10 5.93 1.90
C HIS B 56 20.94 4.98 2.18
N LYS B 57 20.84 3.95 1.35
CA LYS B 57 19.88 2.87 1.51
C LYS B 57 20.64 1.55 1.55
N VAL B 58 20.34 0.73 2.54
CA VAL B 58 21.04 -0.53 2.76
C VAL B 58 20.02 -1.67 2.67
N LEU B 59 20.27 -2.61 1.77
CA LEU B 59 19.40 -3.76 1.57
C LEU B 59 20.19 -5.03 1.81
N VAL B 60 19.79 -5.79 2.83
CA VAL B 60 20.42 -7.06 3.17
C VAL B 60 19.50 -8.19 2.77
N VAL B 61 19.94 -9.04 1.85
CA VAL B 61 19.18 -10.17 1.37
C VAL B 61 19.72 -11.44 2.00
N LEU B 62 18.85 -12.22 2.63
CA LEU B 62 19.22 -13.49 3.25
C LEU B 62 18.47 -14.62 2.56
N GLN B 63 19.21 -15.50 1.90
CA GLN B 63 18.64 -16.68 1.26
C GLN B 63 19.38 -17.92 1.74
N ALA B 64 18.62 -18.99 1.98
CA ALA B 64 19.18 -20.23 2.51
C ALA B 64 18.12 -21.30 2.46
N MET B 65 18.56 -22.55 2.54
CA MET B 65 17.65 -23.67 2.70
C MET B 65 16.85 -23.52 3.99
N ASP B 66 15.77 -24.29 4.11
CA ASP B 66 14.95 -24.24 5.31
C ASP B 66 15.79 -24.65 6.51
N ALA B 67 15.66 -23.90 7.60
CA ALA B 67 16.47 -24.04 8.81
C ALA B 67 17.93 -23.69 8.56
N GLY B 68 18.22 -22.95 7.50
CA GLY B 68 19.58 -22.54 7.18
C GLY B 68 20.15 -21.47 8.07
N GLY B 69 19.34 -20.84 8.91
CA GLY B 69 19.83 -19.83 9.82
C GLY B 69 19.47 -18.40 9.44
N LYS B 70 18.39 -18.22 8.68
CA LYS B 70 17.99 -16.87 8.28
C LYS B 70 17.48 -16.07 9.48
N ASP B 71 16.61 -16.68 10.29
CA ASP B 71 16.09 -16.00 11.46
C ASP B 71 17.18 -15.82 12.52
N GLY B 72 18.07 -16.80 12.65
CA GLY B 72 19.18 -16.66 13.57
C GLY B 72 20.08 -15.49 13.22
N THR B 73 20.32 -15.27 11.92
CA THR B 73 21.15 -14.15 11.50
C THR B 73 20.47 -12.82 11.83
N ILE B 74 19.17 -12.71 11.58
CA ILE B 74 18.44 -11.49 11.86
C ILE B 74 18.45 -11.20 13.36
N ARG B 75 18.17 -12.22 14.17
CA ARG B 75 18.03 -12.01 15.61
C ARG B 75 19.36 -11.65 16.24
N VAL B 76 20.43 -12.38 15.91
CA VAL B 76 21.69 -12.24 16.63
C VAL B 76 22.50 -11.05 16.12
N VAL B 77 22.63 -10.93 14.79
CA VAL B 77 23.49 -9.91 14.21
C VAL B 77 22.95 -8.51 14.53
N PHE B 78 21.63 -8.33 14.45
CA PHE B 78 21.01 -7.03 14.65
C PHE B 78 20.46 -6.86 16.06
N ASP B 79 21.08 -7.50 17.04
CA ASP B 79 20.71 -7.30 18.45
C ASP B 79 21.20 -5.93 18.91
N GLY B 80 20.27 -5.11 19.40
CA GLY B 80 20.58 -3.83 19.98
C GLY B 80 20.46 -2.65 19.02
N VAL B 81 20.43 -2.89 17.71
CA VAL B 81 20.29 -1.79 16.76
C VAL B 81 18.92 -1.13 16.96
N ASN B 82 18.88 0.17 16.72
CA ASN B 82 17.67 0.95 16.96
C ASN B 82 16.53 0.44 16.08
N PRO B 83 15.39 0.06 16.65
CA PRO B 83 14.29 -0.48 15.83
C PRO B 83 13.73 0.50 14.81
N SER B 84 13.86 1.80 15.04
CA SER B 84 13.34 2.78 14.10
C SER B 84 14.17 2.88 12.83
N GLY B 85 15.30 2.19 12.74
CA GLY B 85 16.19 2.32 11.60
C GLY B 85 16.42 1.03 10.83
N VAL B 86 15.91 -0.08 11.34
CA VAL B 86 16.04 -1.38 10.69
C VAL B 86 14.68 -2.06 10.67
N ARG B 87 14.36 -2.71 9.55
CA ARG B 87 13.07 -3.35 9.36
C ARG B 87 13.24 -4.63 8.58
N VAL B 88 12.46 -5.66 8.93
CA VAL B 88 12.52 -6.96 8.28
C VAL B 88 11.30 -7.11 7.38
N ALA B 89 11.55 -7.46 6.12
CA ALA B 89 10.50 -7.70 5.13
C ALA B 89 10.54 -9.17 4.75
N SER B 90 9.51 -9.92 5.17
CA SER B 90 9.42 -11.35 4.91
C SER B 90 8.56 -11.60 3.67
N PHE B 91 9.05 -12.46 2.79
CA PHE B 91 8.37 -12.81 1.54
C PHE B 91 8.08 -14.31 1.55
N GLY B 92 6.89 -14.66 2.03
CA GLY B 92 6.43 -16.03 2.03
C GLY B 92 5.84 -16.44 0.69
N VAL B 93 4.94 -17.40 0.74
CA VAL B 93 4.26 -17.84 -0.49
C VAL B 93 3.35 -16.71 -0.97
N PRO B 94 3.29 -16.42 -2.27
CA PRO B 94 2.57 -15.23 -2.73
C PRO B 94 1.06 -15.41 -2.65
N THR B 95 0.37 -14.28 -2.49
CA THR B 95 -1.09 -14.24 -2.50
C THR B 95 -1.59 -14.02 -3.92
N GLU B 96 -2.92 -14.14 -4.07
CA GLU B 96 -3.53 -13.95 -5.39
C GLU B 96 -3.33 -12.51 -5.88
N GLN B 97 -3.42 -11.54 -4.98
CA GLN B 97 -3.19 -10.16 -5.36
C GLN B 97 -1.73 -9.90 -5.72
N GLU B 98 -0.80 -10.67 -5.14
CA GLU B 98 0.61 -10.50 -5.45
C GLU B 98 1.04 -11.28 -6.69
N LEU B 99 0.35 -12.37 -7.00
CA LEU B 99 0.62 -13.10 -8.23
C LEU B 99 -0.03 -12.45 -9.44
N ALA B 100 -0.99 -11.55 -9.22
CA ALA B 100 -1.66 -10.86 -10.32
C ALA B 100 -0.75 -9.88 -11.03
N ARG B 101 0.34 -9.47 -10.40
CA ARG B 101 1.34 -8.61 -11.02
C ARG B 101 2.61 -9.41 -11.26
N ASP B 102 3.68 -8.70 -11.63
CA ASP B 102 4.97 -9.36 -11.77
C ASP B 102 5.50 -9.76 -10.40
N TYR B 103 6.44 -10.71 -10.41
CA TYR B 103 7.04 -11.18 -9.16
C TYR B 103 7.85 -10.10 -8.46
N LEU B 104 8.34 -9.09 -9.18
CA LEU B 104 9.08 -8.00 -8.57
C LEU B 104 8.17 -6.93 -7.97
N TRP B 105 6.86 -7.02 -8.17
CA TRP B 105 5.96 -5.99 -7.69
C TRP B 105 5.94 -5.94 -6.16
N ARG B 106 5.75 -7.09 -5.51
CA ARG B 106 5.69 -7.12 -4.06
C ARG B 106 7.04 -6.86 -3.43
N VAL B 107 8.13 -7.24 -4.10
CA VAL B 107 9.46 -7.02 -3.55
C VAL B 107 9.85 -5.55 -3.65
N HIS B 108 9.49 -4.89 -4.75
CA HIS B 108 9.85 -3.48 -4.93
C HIS B 108 9.15 -2.60 -3.91
N GLN B 109 8.01 -3.03 -3.39
CA GLN B 109 7.30 -2.26 -2.39
C GLN B 109 8.12 -2.10 -1.12
N GLN B 110 8.98 -3.06 -0.80
CA GLN B 110 9.70 -3.10 0.46
C GLN B 110 11.15 -2.63 0.35
N VAL B 111 11.56 -2.12 -0.81
CA VAL B 111 12.94 -1.64 -0.96
C VAL B 111 13.22 -0.57 0.08
N PRO B 112 14.44 -0.51 0.64
CA PRO B 112 14.71 0.47 1.69
C PRO B 112 14.70 1.89 1.16
N ARG B 113 14.26 2.81 2.02
CA ARG B 113 14.31 4.24 1.73
C ARG B 113 15.64 4.81 2.18
N LYS B 114 15.78 6.13 2.13
CA LYS B 114 17.02 6.78 2.53
C LYS B 114 17.16 6.75 4.03
N GLY B 115 18.35 6.40 4.52
CA GLY B 115 18.59 6.32 5.94
C GLY B 115 18.00 5.09 6.60
N GLU B 116 17.63 4.07 5.83
CA GLU B 116 16.97 2.89 6.35
C GLU B 116 17.76 1.65 5.93
N LEU B 117 17.76 0.64 6.79
CA LEU B 117 18.35 -0.66 6.49
C LEU B 117 17.24 -1.70 6.54
N VAL B 118 17.02 -2.37 5.41
CA VAL B 118 15.95 -3.36 5.29
C VAL B 118 16.57 -4.72 5.05
N ILE B 119 16.13 -5.72 5.82
CA ILE B 119 16.58 -7.10 5.67
C ILE B 119 15.48 -7.87 4.97
N PHE B 120 15.81 -8.46 3.81
CA PHE B 120 14.86 -9.29 3.07
C PHE B 120 14.98 -10.73 3.57
N ASP B 121 14.08 -11.12 4.46
CA ASP B 121 13.97 -12.50 4.90
C ASP B 121 13.28 -13.27 3.77
N ARG B 122 14.09 -13.92 2.93
CA ARG B 122 13.68 -14.45 1.63
C ARG B 122 13.27 -13.30 0.72
N SER B 123 13.74 -13.32 -0.53
CA SER B 123 13.62 -12.15 -1.40
C SER B 123 13.02 -12.57 -2.75
N HIS B 124 13.19 -11.69 -3.75
CA HIS B 124 12.74 -11.96 -5.10
C HIS B 124 13.44 -13.17 -5.71
N TYR B 125 14.52 -13.65 -5.11
CA TYR B 125 15.19 -14.84 -5.60
C TYR B 125 14.36 -16.11 -5.39
N GLU B 126 13.33 -16.04 -4.55
CA GLU B 126 12.40 -17.16 -4.44
C GLU B 126 11.72 -17.48 -5.76
N ASP B 127 11.65 -16.52 -6.68
CA ASP B 127 11.04 -16.73 -7.98
C ASP B 127 12.01 -17.30 -9.01
N VAL B 128 13.20 -17.73 -8.59
CA VAL B 128 14.12 -18.44 -9.46
C VAL B 128 14.67 -19.65 -8.73
N LEU B 129 14.03 -20.00 -7.60
CA LEU B 129 14.43 -21.19 -6.85
C LEU B 129 13.25 -22.14 -6.71
N VAL B 130 12.32 -21.84 -5.80
CA VAL B 130 11.20 -22.75 -5.54
C VAL B 130 10.30 -22.85 -6.77
N VAL B 131 10.22 -21.78 -7.56
CA VAL B 131 9.42 -21.83 -8.78
C VAL B 131 10.14 -22.61 -9.87
N ARG B 132 11.48 -22.67 -9.81
CA ARG B 132 12.24 -23.48 -10.75
C ARG B 132 12.28 -24.94 -10.35
N VAL B 133 12.46 -25.21 -9.04
CA VAL B 133 12.60 -26.59 -8.58
C VAL B 133 11.28 -27.35 -8.74
N LYS B 134 10.16 -26.72 -8.40
CA LYS B 134 8.87 -27.39 -8.44
C LYS B 134 8.12 -27.17 -9.74
N ASN B 135 8.73 -26.48 -10.71
CA ASN B 135 8.15 -26.28 -12.03
C ASN B 135 6.79 -25.59 -11.96
N LEU B 136 6.70 -24.55 -11.12
CA LEU B 136 5.46 -23.78 -11.06
C LEU B 136 5.25 -22.93 -12.31
N VAL B 137 6.32 -22.66 -13.07
CA VAL B 137 6.23 -21.98 -14.35
C VAL B 137 7.17 -22.67 -15.33
N PRO B 138 6.90 -22.56 -16.63
CA PRO B 138 7.81 -23.14 -17.62
C PRO B 138 9.22 -22.61 -17.47
N GLN B 139 10.18 -23.41 -17.95
CA GLN B 139 11.59 -23.00 -17.89
C GLN B 139 11.86 -21.76 -18.74
N GLN B 140 11.01 -21.51 -19.74
CA GLN B 140 11.23 -20.37 -20.63
C GLN B 140 11.08 -19.04 -19.91
N VAL B 141 10.18 -18.95 -18.92
CA VAL B 141 9.91 -17.64 -18.32
C VAL B 141 10.92 -17.31 -17.21
N TRP B 142 11.34 -18.30 -16.41
CA TRP B 142 12.26 -17.98 -15.35
C TRP B 142 13.72 -17.97 -15.79
N GLN B 143 14.04 -18.51 -16.97
CA GLN B 143 15.37 -18.33 -17.53
C GLN B 143 15.65 -16.87 -17.85
N LYS B 144 14.62 -16.08 -18.09
CA LYS B 144 14.76 -14.66 -18.37
C LYS B 144 14.77 -13.81 -17.11
N ARG B 145 14.31 -14.35 -15.98
CA ARG B 145 14.25 -13.58 -14.74
C ARG B 145 15.62 -13.32 -14.15
N TYR B 146 16.64 -14.07 -14.56
CA TYR B 146 18.01 -13.76 -14.15
C TYR B 146 18.42 -12.37 -14.59
N ARG B 147 18.02 -11.96 -15.80
CA ARG B 147 18.37 -10.63 -16.28
C ARG B 147 17.52 -9.55 -15.61
N HIS B 148 16.26 -9.84 -15.32
CA HIS B 148 15.41 -8.86 -14.62
C HIS B 148 16.00 -8.51 -13.26
N ILE B 149 16.45 -9.51 -12.50
CA ILE B 149 16.98 -9.27 -11.17
C ILE B 149 18.27 -8.45 -11.24
N ARG B 150 19.16 -8.80 -12.17
CA ARG B 150 20.38 -8.02 -12.36
C ARG B 150 20.08 -6.56 -12.65
N GLU B 151 19.09 -6.30 -13.49
CA GLU B 151 18.76 -4.93 -13.85
C GLU B 151 17.92 -4.24 -12.80
N PHE B 152 17.02 -4.97 -12.14
CA PHE B 152 16.28 -4.40 -11.02
C PHE B 152 17.21 -3.98 -9.89
N GLU B 153 18.20 -4.83 -9.58
CA GLU B 153 19.17 -4.48 -8.55
C GLU B 153 20.10 -3.37 -9.01
N ARG B 154 20.42 -3.33 -10.30
CA ARG B 154 21.22 -2.23 -10.84
C ARG B 154 20.47 -0.91 -10.71
N MET B 155 19.16 -0.92 -10.98
CA MET B 155 18.36 0.29 -10.82
C MET B 155 18.38 0.77 -9.38
N LEU B 156 18.25 -0.17 -8.42
CA LEU B 156 18.32 0.20 -7.01
C LEU B 156 19.69 0.77 -6.68
N ALA B 157 20.76 0.12 -7.14
CA ALA B 157 22.11 0.55 -6.80
C ALA B 157 22.41 1.94 -7.38
N ASP B 158 22.07 2.13 -8.65
CA ASP B 158 22.32 3.43 -9.29
C ASP B 158 21.53 4.56 -8.62
N GLU B 159 20.45 4.25 -7.92
CA GLU B 159 19.66 5.25 -7.22
C GLU B 159 19.98 5.32 -5.73
N GLY B 160 21.14 4.81 -5.32
CA GLY B 160 21.63 5.00 -3.97
C GLY B 160 21.37 3.88 -2.99
N THR B 161 21.23 2.64 -3.46
CA THR B 161 20.99 1.49 -2.58
C THR B 161 22.23 0.61 -2.57
N THR B 162 22.77 0.37 -1.39
CA THR B 162 23.87 -0.58 -1.21
C THR B 162 23.28 -1.96 -0.94
N ILE B 163 23.57 -2.91 -1.82
CA ILE B 163 22.92 -4.22 -1.81
C ILE B 163 23.92 -5.26 -1.33
N LEU B 164 23.53 -6.06 -0.34
CA LEU B 164 24.30 -7.19 0.14
C LEU B 164 23.39 -8.41 0.18
N LYS B 165 23.79 -9.48 -0.50
CA LYS B 165 23.02 -10.72 -0.55
C LYS B 165 23.88 -11.84 0.00
N PHE B 166 23.39 -12.48 1.06
CA PHE B 166 24.13 -13.54 1.75
C PHE B 166 23.41 -14.87 1.54
N PHE B 167 24.16 -15.87 1.08
CA PHE B 167 23.65 -17.22 0.97
C PHE B 167 24.22 -18.05 2.12
N LEU B 168 23.36 -18.39 3.07
CA LEU B 168 23.77 -19.18 4.22
C LEU B 168 23.86 -20.64 3.79
N HIS B 169 25.09 -21.16 3.73
CA HIS B 169 25.35 -22.48 3.17
C HIS B 169 25.41 -23.50 4.29
N ILE B 170 24.49 -24.46 4.25
CA ILE B 170 24.46 -25.57 5.19
C ILE B 170 24.46 -26.88 4.41
N SER B 171 24.98 -27.94 5.03
CA SER B 171 25.06 -29.23 4.40
C SER B 171 23.71 -29.96 4.49
N LYS B 172 23.58 -31.00 3.66
CA LYS B 172 22.34 -31.79 3.66
C LYS B 172 22.14 -32.51 4.99
N ASP B 173 23.22 -33.02 5.59
CA ASP B 173 23.10 -33.73 6.85
C ASP B 173 22.79 -32.79 8.00
N GLU B 174 23.38 -31.59 7.99
CA GLU B 174 23.12 -30.63 9.06
C GLU B 174 21.66 -30.22 9.09
N GLN B 175 21.01 -30.13 7.93
CA GLN B 175 19.58 -29.83 7.89
C GLN B 175 18.77 -30.96 8.53
N ARG B 176 19.23 -32.20 8.35
CA ARG B 176 18.56 -33.33 8.98
C ARG B 176 18.66 -33.27 10.49
N GLN B 177 19.71 -32.63 11.01
CA GLN B 177 19.85 -32.46 12.46
C GLN B 177 18.97 -31.33 12.98
N ARG B 178 18.97 -30.20 12.28
CA ARG B 178 18.21 -29.04 12.75
C ARG B 178 16.70 -29.27 12.63
N LEU B 179 16.26 -30.00 11.61
CA LEU B 179 14.83 -30.27 11.46
C LEU B 179 14.36 -31.28 12.50
N GLN B 180 15.20 -32.27 12.83
CA GLN B 180 14.83 -33.22 13.87
C GLN B 180 14.84 -32.55 15.25
N GLU B 181 15.81 -31.66 15.49
CA GLU B 181 15.84 -30.92 16.74
C GLU B 181 14.66 -29.96 16.84
N ARG B 182 14.26 -29.36 15.72
CA ARG B 182 13.13 -28.45 15.74
C ARG B 182 11.82 -29.17 16.07
N LEU B 183 11.70 -30.44 15.67
CA LEU B 183 10.53 -31.22 16.04
C LEU B 183 10.51 -31.60 17.51
N ASP B 184 11.69 -31.83 18.10
CA ASP B 184 11.78 -32.26 19.48
C ASP B 184 11.89 -31.10 20.47
N ASN B 185 11.55 -29.88 20.03
CA ASN B 185 11.55 -28.71 20.89
C ASN B 185 10.14 -28.15 20.95
N PRO B 186 9.49 -28.16 22.11
CA PRO B 186 8.12 -27.60 22.20
C PRO B 186 8.03 -26.17 21.68
N GLU B 187 9.04 -25.35 21.91
CA GLU B 187 9.02 -23.94 21.53
C GLU B 187 9.47 -23.71 20.11
N LYS B 188 9.80 -24.77 19.35
CA LYS B 188 10.10 -24.65 17.94
C LYS B 188 9.32 -25.65 17.10
N ARG B 189 8.55 -26.55 17.71
CA ARG B 189 7.71 -27.51 17.01
C ARG B 189 6.65 -26.85 16.15
N TRP B 190 6.40 -25.56 16.33
CA TRP B 190 5.33 -24.88 15.60
C TRP B 190 5.78 -24.38 14.23
N LYS B 191 7.05 -23.98 14.10
CA LYS B 191 7.53 -23.51 12.81
C LYS B 191 7.51 -24.61 11.75
N PHE B 192 7.76 -25.86 12.16
CA PHE B 192 7.77 -26.96 11.21
C PHE B 192 6.36 -27.50 10.99
N ARG B 193 6.03 -27.77 9.74
CA ARG B 193 4.87 -28.54 9.36
C ARG B 193 5.30 -29.49 8.25
N MET B 194 4.70 -30.68 8.23
CA MET B 194 5.18 -31.78 7.39
C MET B 194 5.19 -31.46 5.90
N GLY B 195 4.90 -30.22 5.53
CA GLY B 195 5.10 -29.77 4.17
C GLY B 195 6.49 -29.28 3.86
N ASP B 196 7.41 -29.39 4.81
CA ASP B 196 8.79 -28.92 4.64
C ASP B 196 9.79 -30.06 4.53
N LEU B 197 9.32 -31.31 4.42
CA LEU B 197 10.22 -32.44 4.24
C LEU B 197 10.30 -32.92 2.81
N GLU B 198 9.29 -32.64 1.98
CA GLU B 198 9.42 -32.89 0.55
C GLU B 198 10.44 -31.94 -0.08
N ASP B 199 10.50 -30.70 0.42
CA ASP B 199 11.55 -29.78 -0.02
C ASP B 199 12.93 -30.37 0.23
N ARG B 200 13.08 -31.10 1.33
CA ARG B 200 14.34 -31.80 1.59
C ARG B 200 14.58 -32.92 0.59
N ARG B 201 13.50 -33.59 0.17
CA ARG B 201 13.63 -34.63 -0.86
C ARG B 201 14.15 -34.06 -2.16
N LEU B 202 13.88 -32.79 -2.44
CA LEU B 202 14.42 -32.08 -3.59
C LEU B 202 15.66 -31.29 -3.23
N TRP B 203 16.51 -31.83 -2.35
CA TRP B 203 17.69 -31.11 -1.90
C TRP B 203 18.61 -30.77 -3.08
N ASP B 204 18.89 -31.77 -3.92
CA ASP B 204 19.83 -31.56 -5.01
C ASP B 204 19.33 -30.52 -5.99
N ARG B 205 18.01 -30.38 -6.13
CA ARG B 205 17.45 -29.43 -7.09
C ARG B 205 17.58 -28.00 -6.60
N TYR B 206 17.33 -27.77 -5.32
CA TYR B 206 17.50 -26.42 -4.77
C TYR B 206 18.94 -25.96 -4.84
N GLN B 207 19.89 -26.90 -4.75
CA GLN B 207 21.30 -26.53 -4.79
C GLN B 207 21.73 -26.16 -6.21
N GLU B 208 21.19 -26.84 -7.22
CA GLU B 208 21.47 -26.43 -8.60
C GLU B 208 20.85 -25.06 -8.89
N ALA B 209 19.67 -24.79 -8.33
CA ALA B 209 19.04 -23.49 -8.53
C ALA B 209 19.84 -22.38 -7.86
N TYR B 210 20.28 -22.62 -6.61
CA TYR B 210 21.09 -21.62 -5.92
C TYR B 210 22.40 -21.38 -6.64
N GLU B 211 23.00 -22.43 -7.20
CA GLU B 211 24.26 -22.27 -7.91
C GLU B 211 24.06 -21.43 -9.16
N ALA B 212 22.99 -21.70 -9.91
CA ALA B 212 22.71 -20.95 -11.14
C ALA B 212 22.33 -19.51 -10.84
N ALA B 213 21.46 -19.30 -9.84
CA ALA B 213 21.06 -17.94 -9.50
C ALA B 213 22.24 -17.09 -9.06
N ILE B 214 23.11 -17.65 -8.22
CA ILE B 214 24.28 -16.90 -7.77
C ILE B 214 25.26 -16.68 -8.90
N ARG B 215 25.41 -17.67 -9.78
CA ARG B 215 26.35 -17.53 -10.90
C ARG B 215 25.91 -16.43 -11.86
N GLU B 216 24.61 -16.18 -11.96
CA GLU B 216 24.07 -15.21 -12.92
C GLU B 216 23.82 -13.84 -12.32
N THR B 217 23.29 -13.76 -11.11
CA THR B 217 22.83 -12.48 -10.56
C THR B 217 23.86 -11.78 -9.69
N SER B 218 24.99 -12.42 -9.39
CA SER B 218 26.04 -11.78 -8.61
C SER B 218 26.79 -10.78 -9.48
N THR B 219 26.71 -9.51 -9.13
CA THR B 219 27.33 -8.42 -9.89
C THR B 219 28.25 -7.62 -8.97
N GLU B 220 28.83 -6.55 -9.54
CA GLU B 220 29.68 -5.67 -8.74
C GLU B 220 28.85 -4.71 -7.90
N TYR B 221 27.72 -4.24 -8.45
CA TYR B 221 26.83 -3.37 -7.69
C TYR B 221 25.97 -4.14 -6.70
N ALA B 222 25.75 -5.43 -6.91
CA ALA B 222 24.99 -6.28 -6.01
C ALA B 222 25.68 -7.63 -5.92
N PRO B 223 26.68 -7.76 -5.06
CA PRO B 223 27.44 -9.01 -4.98
C PRO B 223 26.78 -10.03 -4.08
N TRP B 224 27.05 -11.30 -4.38
CA TRP B 224 26.63 -12.43 -3.56
C TRP B 224 27.76 -12.85 -2.65
N TYR B 225 27.41 -13.21 -1.41
CA TYR B 225 28.35 -13.76 -0.44
C TYR B 225 27.85 -15.13 0.01
N VAL B 226 28.71 -16.14 -0.09
CA VAL B 226 28.40 -17.48 0.38
C VAL B 226 28.91 -17.60 1.81
N ILE B 227 28.01 -17.92 2.73
CA ILE B 227 28.35 -17.95 4.15
C ILE B 227 28.23 -19.38 4.67
N PRO B 228 29.32 -20.04 5.03
CA PRO B 228 29.21 -21.35 5.68
C PRO B 228 28.46 -21.23 7.00
N ALA B 229 27.24 -21.77 7.06
CA ALA B 229 26.36 -21.56 8.20
C ALA B 229 26.12 -22.83 9.01
N ASN B 230 27.03 -23.80 8.90
CA ASN B 230 26.95 -24.96 9.79
C ASN B 230 27.33 -24.61 11.22
N LYS B 231 28.09 -23.54 11.42
CA LYS B 231 28.46 -23.06 12.75
C LYS B 231 27.80 -21.70 12.95
N ASN B 232 26.82 -21.66 13.85
CA ASN B 232 26.09 -20.41 14.07
C ASN B 232 27.01 -19.29 14.51
N TRP B 233 28.01 -19.61 15.34
CA TRP B 233 28.93 -18.58 15.81
C TRP B 233 29.79 -18.05 14.66
N TYR B 234 30.12 -18.89 13.69
CA TYR B 234 30.92 -18.46 12.56
C TYR B 234 30.08 -17.75 11.52
N ARG B 235 28.85 -18.23 11.29
CA ARG B 235 27.95 -17.54 10.38
C ARG B 235 27.61 -16.15 10.91
N ASN B 236 27.32 -16.03 12.21
CA ASN B 236 26.97 -14.74 12.77
C ASN B 236 28.15 -13.78 12.74
N TRP B 237 29.37 -14.30 12.91
CA TRP B 237 30.54 -13.42 12.87
C TRP B 237 30.86 -12.98 11.45
N LEU B 238 30.78 -13.89 10.48
CA LEU B 238 31.20 -13.57 9.13
C LEU B 238 30.22 -12.60 8.47
N VAL B 239 28.92 -12.82 8.67
CA VAL B 239 27.93 -11.88 8.16
C VAL B 239 28.09 -10.51 8.83
N SER B 240 28.41 -10.50 10.13
CA SER B 240 28.63 -9.25 10.83
C SER B 240 29.88 -8.53 10.31
N HIS B 241 30.91 -9.30 9.96
CA HIS B 241 32.14 -8.68 9.48
C HIS B 241 31.94 -8.04 8.11
N ILE B 242 31.34 -8.77 7.17
CA ILE B 242 31.17 -8.25 5.82
C ILE B 242 30.22 -7.05 5.81
N LEU B 243 29.19 -7.09 6.66
CA LEU B 243 28.22 -5.99 6.67
C LEU B 243 28.82 -4.72 7.27
N VAL B 244 29.56 -4.84 8.37
CA VAL B 244 30.15 -3.67 9.01
C VAL B 244 31.21 -3.03 8.13
N GLU B 245 32.01 -3.84 7.43
CA GLU B 245 33.07 -3.29 6.60
C GLU B 245 32.50 -2.49 5.43
N THR B 246 31.39 -2.96 4.84
CA THR B 246 30.79 -2.25 3.72
C THR B 246 30.15 -0.94 4.16
N LEU B 247 29.57 -0.92 5.37
CA LEU B 247 28.97 0.31 5.88
C LEU B 247 30.01 1.39 6.13
N GLU B 248 31.16 1.02 6.70
CA GLU B 248 32.22 2.00 6.88
C GLU B 248 32.82 2.48 5.57
N GLY B 249 32.73 1.65 4.52
CA GLY B 249 33.21 2.06 3.21
C GLY B 249 32.45 3.23 2.61
N LEU B 250 31.20 3.43 3.04
CA LEU B 250 30.38 4.53 2.53
C LEU B 250 30.84 5.89 3.05
N ALA B 251 31.68 5.94 4.08
CA ALA B 251 32.25 7.18 4.59
C ALA B 251 31.16 8.18 4.97
N MET B 252 30.14 7.69 5.66
CA MET B 252 29.00 8.51 6.06
C MET B 252 29.37 9.40 7.23
N GLN B 253 28.66 10.53 7.34
CA GLN B 253 28.94 11.50 8.37
C GLN B 253 27.64 12.03 8.98
N TYR B 254 27.72 12.47 10.23
CA TYR B 254 26.58 13.10 10.86
C TYR B 254 26.34 14.46 10.21
N PRO B 255 25.09 14.87 10.03
CA PRO B 255 24.81 16.20 9.48
C PRO B 255 25.18 17.29 10.47
N GLN B 256 25.59 18.43 9.94
CA GLN B 256 25.98 19.56 10.77
C GLN B 256 24.77 20.44 11.10
N MET C 1 0.67 -1.42 41.45
CA MET C 1 1.52 -0.69 40.52
C MET C 1 0.66 0.08 39.52
N LYS C 2 -0.62 -0.30 39.44
CA LYS C 2 -1.54 0.31 38.49
C LYS C 2 -2.14 1.62 39.00
N LYS C 3 -1.44 2.30 39.91
CA LYS C 3 -1.80 3.67 40.27
C LYS C 3 -1.67 4.60 39.08
N TYR C 4 -0.84 4.25 38.09
CA TYR C 4 -0.61 5.09 36.93
C TYR C 4 -1.63 4.88 35.82
N ARG C 5 -2.46 3.85 35.92
CA ARG C 5 -3.55 3.67 34.97
C ARG C 5 -4.71 4.60 35.34
N VAL C 6 -5.12 5.43 34.39
CA VAL C 6 -6.25 6.33 34.59
C VAL C 6 -7.53 5.62 34.20
N GLN C 7 -8.54 5.73 35.05
CA GLN C 7 -9.77 4.97 34.89
C GLN C 7 -10.80 5.76 34.08
N PRO C 8 -11.83 5.00 33.31
CA PRO C 8 -12.82 5.68 32.46
C PRO C 8 -13.95 6.31 33.26
N ASP C 9 -13.63 7.42 33.95
CA ASP C 9 -14.63 8.15 34.72
C ASP C 9 -14.70 9.63 34.36
N GLY C 10 -13.92 10.10 33.40
CA GLY C 10 -13.95 11.49 32.99
C GLY C 10 -13.49 12.49 34.04
N ARG C 11 -12.91 12.01 35.14
CA ARG C 11 -12.47 12.87 36.24
C ARG C 11 -10.96 12.96 36.33
N PHE C 12 -10.27 12.76 35.20
CA PHE C 12 -8.82 12.76 35.20
C PHE C 12 -8.27 14.16 35.09
N GLU C 13 -7.30 14.48 35.95
CA GLU C 13 -6.55 15.72 35.91
C GLU C 13 -5.07 15.38 36.03
N LEU C 14 -4.27 15.92 35.10
CA LEU C 14 -2.88 15.48 34.98
C LEU C 14 -2.00 15.98 36.12
N LYS C 15 -2.31 17.14 36.69
CA LYS C 15 -1.41 17.75 37.67
C LYS C 15 -1.31 16.94 38.97
N ARG C 16 -2.16 15.93 39.16
CA ARG C 16 -2.00 15.02 40.28
C ARG C 16 -0.80 14.10 40.11
N PHE C 17 -0.21 14.05 38.92
CA PHE C 17 0.93 13.19 38.63
C PHE C 17 2.21 14.01 38.62
N ASP C 18 3.24 13.51 39.29
CA ASP C 18 4.51 14.21 39.40
C ASP C 18 5.55 13.51 38.53
N PRO C 19 6.19 14.22 37.60
CA PRO C 19 7.19 13.56 36.73
C PRO C 19 8.36 12.97 37.49
N ASP C 20 8.65 13.48 38.69
CA ASP C 20 9.74 12.96 39.51
C ASP C 20 9.30 11.85 40.46
N ASP C 21 8.02 11.50 40.47
CA ASP C 21 7.54 10.45 41.35
C ASP C 21 8.15 9.10 40.95
N THR C 22 8.64 8.37 41.95
CA THR C 22 9.19 7.02 41.77
C THR C 22 8.76 6.10 42.91
N SER C 23 7.55 6.30 43.43
CA SER C 23 7.11 5.61 44.64
C SER C 23 6.76 4.14 44.41
N ALA C 24 6.72 3.69 43.15
CA ALA C 24 6.33 2.31 42.88
C ALA C 24 7.50 1.35 42.98
N PHE C 25 8.74 1.85 42.91
CA PHE C 25 9.93 1.01 43.00
C PHE C 25 10.70 1.38 44.26
N GLU C 26 10.90 0.40 45.13
CA GLU C 26 11.63 0.60 46.38
C GLU C 26 13.11 0.34 46.11
N GLY C 27 13.90 1.42 46.11
CA GLY C 27 15.30 1.35 45.78
C GLY C 27 15.71 2.59 45.01
N GLY C 28 16.93 2.55 44.47
CA GLY C 28 17.49 3.65 43.74
C GLY C 28 17.60 3.36 42.26
N LYS C 29 18.47 4.12 41.59
CA LYS C 29 18.64 3.98 40.15
C LYS C 29 19.21 2.61 39.80
N GLN C 30 20.44 2.34 40.23
CA GLN C 30 21.12 1.10 39.84
C GLN C 30 20.31 -0.13 40.24
N ALA C 31 19.51 -0.04 41.30
CA ALA C 31 18.67 -1.17 41.67
C ALA C 31 17.58 -1.42 40.62
N ALA C 32 17.15 -0.38 39.91
CA ALA C 32 16.11 -0.56 38.90
C ALA C 32 16.64 -1.17 37.62
N LEU C 33 17.89 -0.88 37.25
CA LEU C 33 18.45 -1.48 36.03
C LEU C 33 18.63 -2.99 36.15
N GLU C 34 18.70 -3.53 37.36
CA GLU C 34 18.72 -4.98 37.50
C GLU C 34 17.31 -5.57 37.41
N ALA C 35 16.31 -4.85 37.94
CA ALA C 35 14.93 -5.29 37.77
C ALA C 35 14.44 -5.06 36.35
N LEU C 36 14.96 -4.03 35.68
CA LEU C 36 14.61 -3.79 34.28
C LEU C 36 15.18 -4.88 33.38
N ALA C 37 16.37 -5.38 33.70
CA ALA C 37 17.00 -6.38 32.84
C ALA C 37 16.21 -7.68 32.81
N VAL C 38 15.71 -8.12 33.97
CA VAL C 38 14.94 -9.36 34.00
C VAL C 38 13.58 -9.16 33.33
N LEU C 39 13.00 -7.96 33.47
CA LEU C 39 11.77 -7.66 32.74
C LEU C 39 12.02 -7.65 31.24
N ASN C 40 13.20 -7.18 30.81
CA ASN C 40 13.50 -7.13 29.39
C ASN C 40 13.57 -8.53 28.79
N ARG C 41 14.18 -9.49 29.51
CA ARG C 41 14.26 -10.85 29.00
C ARG C 41 12.90 -11.53 29.06
N ARG C 42 12.12 -11.25 30.10
CA ARG C 42 10.74 -11.74 30.12
C ARG C 42 9.95 -11.19 28.94
N LEU C 43 10.23 -9.95 28.54
CA LEU C 43 9.56 -9.36 27.38
C LEU C 43 10.01 -10.03 26.09
N GLU C 44 11.29 -10.39 25.99
CA GLU C 44 11.79 -11.02 24.77
C GLU C 44 11.12 -12.36 24.52
N LYS C 45 11.01 -13.20 25.56
CA LYS C 45 10.39 -14.50 25.38
C LYS C 45 8.87 -14.42 25.27
N LEU C 46 8.25 -13.38 25.81
CA LEU C 46 6.82 -13.20 25.61
C LEU C 46 6.52 -12.78 24.18
N GLN C 47 7.39 -11.97 23.59
CA GLN C 47 7.20 -11.55 22.20
C GLN C 47 7.36 -12.71 21.24
N GLU C 48 8.32 -13.61 21.51
CA GLU C 48 8.46 -14.79 20.68
C GLU C 48 7.25 -15.71 20.81
N LEU C 49 6.59 -15.70 21.98
CA LEU C 49 5.33 -16.42 22.12
C LEU C 49 4.20 -15.72 21.37
N LEU C 50 4.22 -14.38 21.35
CA LEU C 50 3.24 -13.63 20.57
C LEU C 50 3.40 -13.92 19.09
N TYR C 51 4.64 -13.94 18.60
CA TYR C 51 4.88 -14.26 17.20
C TYR C 51 4.49 -15.71 16.89
N ALA C 52 4.75 -16.62 17.83
CA ALA C 52 4.46 -18.03 17.60
C ALA C 52 2.97 -18.30 17.58
N GLU C 53 2.23 -17.79 18.58
CA GLU C 53 0.80 -18.02 18.64
C GLU C 53 0.07 -17.43 17.44
N GLY C 54 0.38 -16.18 17.10
CA GLY C 54 -0.21 -15.56 15.93
C GLY C 54 -1.70 -15.35 16.00
N GLN C 55 -2.21 -14.93 17.16
CA GLN C 55 -3.65 -14.72 17.34
C GLN C 55 -3.92 -13.36 17.96
N HIS C 56 -2.99 -12.87 18.77
CA HIS C 56 -3.13 -11.58 19.43
C HIS C 56 -2.43 -10.49 18.64
N LYS C 57 -2.90 -9.26 18.81
CA LYS C 57 -2.28 -8.07 18.24
C LYS C 57 -2.00 -7.09 19.36
N VAL C 58 -0.78 -6.58 19.43
CA VAL C 58 -0.36 -5.70 20.51
C VAL C 58 0.06 -4.37 19.89
N LEU C 59 -0.59 -3.29 20.32
CA LEU C 59 -0.31 -1.95 19.83
C LEU C 59 0.10 -1.07 21.00
N VAL C 60 1.33 -0.56 20.95
CA VAL C 60 1.85 0.32 21.99
C VAL C 60 1.92 1.72 21.42
N VAL C 61 1.16 2.64 22.02
CA VAL C 61 1.11 4.03 21.59
C VAL C 61 1.95 4.86 22.54
N LEU C 62 2.89 5.62 21.99
CA LEU C 62 3.75 6.50 22.78
C LEU C 62 3.51 7.94 22.36
N GLN C 63 2.99 8.75 23.28
CA GLN C 63 2.81 10.18 23.08
C GLN C 63 3.44 10.92 24.25
N ALA C 64 4.08 12.03 23.95
CA ALA C 64 4.79 12.82 24.95
C ALA C 64 5.22 14.13 24.32
N MET C 65 5.53 15.10 25.17
CA MET C 65 6.13 16.34 24.69
C MET C 65 7.45 16.05 24.01
N ASP C 66 7.94 17.03 23.25
CA ASP C 66 9.21 16.86 22.56
C ASP C 66 10.32 16.63 23.58
N ALA C 67 11.18 15.64 23.28
CA ALA C 67 12.24 15.17 24.17
C ALA C 67 11.68 14.51 25.43
N GLY C 68 10.41 14.08 25.39
CA GLY C 68 9.80 13.42 26.52
C GLY C 68 10.28 12.00 26.74
N GLY C 69 11.04 11.45 25.81
CA GLY C 69 11.59 10.12 25.92
C GLY C 69 10.94 9.07 25.04
N LYS C 70 10.31 9.46 23.92
CA LYS C 70 9.69 8.47 23.06
C LYS C 70 10.75 7.62 22.35
N ASP C 71 11.77 8.26 21.80
CA ASP C 71 12.84 7.52 21.14
C ASP C 71 13.67 6.73 22.14
N GLY C 72 13.92 7.31 23.32
CA GLY C 72 14.63 6.58 24.36
C GLY C 72 13.89 5.34 24.82
N THR C 73 12.57 5.44 24.97
CA THR C 73 11.77 4.29 25.40
C THR C 73 11.80 3.17 24.38
N ILE C 74 11.66 3.49 23.09
CA ILE C 74 11.66 2.47 22.05
C ILE C 74 13.00 1.74 22.02
N ARG C 75 14.09 2.49 22.06
CA ARG C 75 15.42 1.88 21.91
C ARG C 75 15.76 0.99 23.10
N VAL C 76 15.52 1.47 24.32
CA VAL C 76 16.00 0.78 25.51
C VAL C 76 15.06 -0.35 25.90
N VAL C 77 13.75 -0.09 25.93
CA VAL C 77 12.81 -1.11 26.38
C VAL C 77 12.80 -2.29 25.41
N PHE C 78 12.86 -2.02 24.11
CA PHE C 78 12.83 -3.05 23.09
C PHE C 78 14.23 -3.39 22.58
N ASP C 79 15.24 -3.24 23.43
CA ASP C 79 16.59 -3.66 23.10
C ASP C 79 16.66 -5.18 23.13
N GLY C 80 17.05 -5.78 22.00
CA GLY C 80 17.21 -7.21 21.92
C GLY C 80 16.00 -7.95 21.37
N VAL C 81 14.83 -7.30 21.35
CA VAL C 81 13.63 -7.95 20.85
C VAL C 81 13.80 -8.27 19.36
N ASN C 82 13.22 -9.39 18.94
CA ASN C 82 13.36 -9.87 17.57
C ASN C 82 12.77 -8.85 16.59
N PRO C 83 13.55 -8.37 15.61
CA PRO C 83 13.00 -7.39 14.66
C PRO C 83 11.86 -7.93 13.81
N SER C 84 11.78 -9.25 13.62
CA SER C 84 10.71 -9.83 12.83
C SER C 84 9.36 -9.81 13.52
N GLY C 85 9.32 -9.43 14.81
CA GLY C 85 8.09 -9.47 15.56
C GLY C 85 7.67 -8.12 16.11
N VAL C 86 8.52 -7.11 15.96
CA VAL C 86 8.24 -5.77 16.45
C VAL C 86 8.56 -4.78 15.34
N ARG C 87 7.72 -3.74 15.22
CA ARG C 87 7.85 -2.74 14.17
C ARG C 87 7.46 -1.38 14.73
N VAL C 88 8.19 -0.35 14.33
CA VAL C 88 7.96 1.02 14.77
C VAL C 88 7.32 1.79 13.63
N ALA C 89 6.18 2.43 13.91
CA ALA C 89 5.48 3.26 12.94
C ALA C 89 5.50 4.69 13.45
N SER C 90 6.25 5.56 12.78
CA SER C 90 6.38 6.95 13.16
C SER C 90 5.39 7.79 12.36
N PHE C 91 4.65 8.67 13.05
CA PHE C 91 3.62 9.50 12.44
C PHE C 91 4.00 10.96 12.64
N GLY C 92 4.71 11.54 11.67
CA GLY C 92 5.01 12.96 11.69
C GLY C 92 3.85 13.77 11.16
N VAL C 93 4.16 14.95 10.65
CA VAL C 93 3.12 15.78 10.03
C VAL C 93 2.68 15.13 8.72
N PRO C 94 1.39 15.12 8.40
CA PRO C 94 0.93 14.36 7.25
C PRO C 94 1.29 15.02 5.92
N THR C 95 1.41 14.19 4.89
CA THR C 95 1.64 14.64 3.53
C THR C 95 0.31 14.94 2.83
N GLU C 96 0.42 15.50 1.62
CA GLU C 96 -0.77 15.85 0.86
C GLU C 96 -1.63 14.64 0.55
N GLN C 97 -1.00 13.49 0.28
CA GLN C 97 -1.78 12.27 0.04
C GLN C 97 -2.44 11.76 1.31
N GLU C 98 -1.88 12.07 2.48
CA GLU C 98 -2.48 11.66 3.74
C GLU C 98 -3.56 12.64 4.21
N LEU C 99 -3.46 13.90 3.80
CA LEU C 99 -4.49 14.88 4.13
C LEU C 99 -5.72 14.76 3.22
N ALA C 100 -5.59 14.07 2.08
CA ALA C 100 -6.72 13.91 1.18
C ALA C 100 -7.80 12.99 1.75
N ARG C 101 -7.45 12.17 2.74
CA ARG C 101 -8.42 11.31 3.42
C ARG C 101 -8.60 11.79 4.86
N ASP C 102 -9.28 10.98 5.66
CA ASP C 102 -9.43 11.27 7.07
C ASP C 102 -8.09 11.12 7.80
N TYR C 103 -8.00 11.73 8.98
CA TYR C 103 -6.79 11.63 9.77
C TYR C 103 -6.50 10.21 10.24
N LEU C 104 -7.53 9.36 10.33
CA LEU C 104 -7.34 7.97 10.71
C LEU C 104 -6.91 7.09 9.56
N TRP C 105 -6.87 7.61 8.34
CA TRP C 105 -6.53 6.78 7.18
C TRP C 105 -5.09 6.30 7.26
N ARG C 106 -4.15 7.21 7.51
CA ARG C 106 -2.74 6.83 7.57
C ARG C 106 -2.44 6.02 8.82
N VAL C 107 -3.19 6.24 9.89
CA VAL C 107 -2.94 5.52 11.14
C VAL C 107 -3.43 4.08 11.04
N HIS C 108 -4.58 3.87 10.39
CA HIS C 108 -5.14 2.53 10.29
C HIS C 108 -4.25 1.60 9.47
N GLN C 109 -3.47 2.14 8.54
CA GLN C 109 -2.62 1.29 7.71
C GLN C 109 -1.60 0.52 8.53
N GLN C 110 -1.02 1.19 9.53
CA GLN C 110 0.08 0.63 10.31
C GLN C 110 -0.39 -0.18 11.51
N VAL C 111 -1.70 -0.42 11.63
CA VAL C 111 -2.25 -1.21 12.73
C VAL C 111 -1.58 -2.58 12.76
N PRO C 112 -1.28 -3.14 13.93
CA PRO C 112 -0.59 -4.43 13.96
C PRO C 112 -1.44 -5.56 13.41
N ARG C 113 -0.76 -6.51 12.76
CA ARG C 113 -1.39 -7.73 12.29
C ARG C 113 -1.33 -8.78 13.39
N LYS C 114 -1.72 -10.02 13.09
CA LYS C 114 -1.68 -11.07 14.09
C LYS C 114 -0.25 -11.52 14.37
N GLY C 115 0.08 -11.67 15.64
CA GLY C 115 1.42 -12.06 16.02
C GLY C 115 2.44 -10.95 15.95
N GLU C 116 2.02 -9.70 15.89
CA GLU C 116 2.93 -8.57 15.73
C GLU C 116 2.70 -7.56 16.85
N LEU C 117 3.80 -6.92 17.27
CA LEU C 117 3.77 -5.83 18.25
C LEU C 117 4.28 -4.58 17.55
N VAL C 118 3.44 -3.55 17.48
CA VAL C 118 3.76 -2.31 16.79
C VAL C 118 3.81 -1.18 17.80
N ILE C 119 4.87 -0.39 17.73
CA ILE C 119 5.04 0.79 18.58
C ILE C 119 4.69 2.02 17.74
N PHE C 120 3.71 2.79 18.17
CA PHE C 120 3.33 4.02 17.47
C PHE C 120 4.16 5.18 18.02
N ASP C 121 5.23 5.52 17.31
CA ASP C 121 5.98 6.74 17.61
C ASP C 121 5.15 7.89 17.07
N ARG C 122 4.49 8.62 17.97
CA ARG C 122 3.35 9.49 17.66
C ARG C 122 2.19 8.62 17.19
N SER C 123 0.97 9.17 17.15
CA SER C 123 -0.18 8.37 16.77
C SER C 123 -1.29 9.30 16.27
N HIS C 124 -2.50 8.74 16.17
CA HIS C 124 -3.67 9.50 15.77
C HIS C 124 -4.03 10.60 16.77
N TYR C 125 -3.47 10.56 17.98
CA TYR C 125 -3.75 11.61 18.96
C TYR C 125 -3.13 12.95 18.57
N GLU C 126 -2.18 12.95 17.63
CA GLU C 126 -1.65 14.21 17.12
C GLU C 126 -2.73 15.08 16.48
N ASP C 127 -3.82 14.46 16.02
CA ASP C 127 -4.93 15.17 15.42
C ASP C 127 -5.94 15.66 16.45
N VAL C 128 -5.59 15.61 17.73
CA VAL C 128 -6.45 16.17 18.77
C VAL C 128 -5.58 17.00 19.72
N LEU C 129 -4.34 17.27 19.29
CA LEU C 129 -3.41 18.08 20.05
C LEU C 129 -2.99 19.31 19.26
N VAL C 130 -2.12 19.12 18.27
CA VAL C 130 -1.55 20.25 17.52
C VAL C 130 -2.63 21.00 16.75
N VAL C 131 -3.68 20.32 16.30
CA VAL C 131 -4.75 21.02 15.61
C VAL C 131 -5.62 21.79 16.61
N ARG C 132 -5.67 21.32 17.86
CA ARG C 132 -6.39 22.06 18.90
C ARG C 132 -5.53 23.17 19.48
N VAL C 133 -4.23 22.90 19.67
CA VAL C 133 -3.34 23.88 20.28
C VAL C 133 -3.14 25.08 19.36
N LYS C 134 -2.94 24.84 18.06
CA LYS C 134 -2.68 25.90 17.10
C LYS C 134 -3.93 26.37 16.38
N ASN C 135 -5.10 25.83 16.72
CA ASN C 135 -6.38 26.26 16.13
C ASN C 135 -6.34 26.14 14.61
N LEU C 136 -5.79 25.05 14.11
CA LEU C 136 -5.76 24.80 12.68
C LEU C 136 -7.13 24.40 12.13
N VAL C 137 -8.03 23.95 12.99
CA VAL C 137 -9.39 23.61 12.60
C VAL C 137 -10.36 24.12 13.66
N PRO C 138 -11.62 24.35 13.27
CA PRO C 138 -12.62 24.79 14.25
C PRO C 138 -12.77 23.80 15.40
N GLN C 139 -13.22 24.32 16.54
CA GLN C 139 -13.41 23.48 17.72
C GLN C 139 -14.50 22.42 17.50
N GLN C 140 -15.47 22.71 16.64
CA GLN C 140 -16.58 21.78 16.44
C GLN C 140 -16.11 20.49 15.77
N VAL C 141 -15.09 20.56 14.91
CA VAL C 141 -14.73 19.37 14.14
C VAL C 141 -13.81 18.45 14.96
N TRP C 142 -12.90 19.01 15.77
CA TRP C 142 -12.02 18.14 16.54
C TRP C 142 -12.63 17.67 17.86
N GLN C 143 -13.66 18.36 18.35
CA GLN C 143 -14.37 17.85 19.52
C GLN C 143 -15.00 16.49 19.24
N LYS C 144 -15.42 16.26 18.00
CA LYS C 144 -16.00 14.97 17.62
C LYS C 144 -14.92 13.89 17.49
N ARG C 145 -13.65 14.28 17.36
CA ARG C 145 -12.60 13.29 17.16
C ARG C 145 -12.31 12.49 18.44
N TYR C 146 -12.71 13.00 19.60
CA TYR C 146 -12.64 12.19 20.82
C TYR C 146 -13.50 10.94 20.68
N ARG C 147 -14.69 11.07 20.08
CA ARG C 147 -15.56 9.92 19.91
C ARG C 147 -15.08 9.01 18.79
N HIS C 148 -14.52 9.58 17.72
CA HIS C 148 -13.98 8.77 16.64
C HIS C 148 -12.86 7.87 17.15
N ILE C 149 -11.94 8.42 17.96
CA ILE C 149 -10.82 7.66 18.47
C ILE C 149 -11.29 6.56 19.42
N ARG C 150 -12.23 6.90 20.32
CA ARG C 150 -12.75 5.89 21.24
C ARG C 150 -13.34 4.70 20.48
N GLU C 151 -14.08 4.97 19.40
CA GLU C 151 -14.74 3.91 18.66
C GLU C 151 -13.80 3.20 17.70
N PHE C 152 -12.83 3.91 17.13
CA PHE C 152 -11.81 3.25 16.32
C PHE C 152 -11.00 2.27 17.15
N GLU C 153 -10.64 2.67 18.38
CA GLU C 153 -9.92 1.78 19.27
C GLU C 153 -10.80 0.63 19.74
N ARG C 154 -12.09 0.89 19.92
CA ARG C 154 -13.02 -0.18 20.29
C ARG C 154 -13.10 -1.23 19.19
N MET C 155 -13.13 -0.79 17.92
CA MET C 155 -13.14 -1.73 16.81
C MET C 155 -11.89 -2.60 16.80
N LEU C 156 -10.73 -1.99 17.03
CA LEU C 156 -9.48 -2.76 17.07
C LEU C 156 -9.49 -3.78 18.20
N ALA C 157 -9.89 -3.34 19.40
CA ALA C 157 -9.83 -4.23 20.56
C ALA C 157 -10.78 -5.40 20.40
N ASP C 158 -12.02 -5.14 20.00
CA ASP C 158 -13.00 -6.21 19.81
C ASP C 158 -12.58 -7.20 18.74
N GLU C 159 -11.71 -6.80 17.81
CA GLU C 159 -11.22 -7.69 16.77
C GLU C 159 -9.85 -8.28 17.09
N GLY C 160 -9.46 -8.28 18.36
CA GLY C 160 -8.29 -9.00 18.81
C GLY C 160 -7.02 -8.18 18.95
N THR C 161 -7.12 -6.88 19.18
CA THR C 161 -5.96 -6.02 19.36
C THR C 161 -5.88 -5.57 20.82
N THR C 162 -4.76 -5.87 21.47
CA THR C 162 -4.50 -5.39 22.82
C THR C 162 -3.82 -4.03 22.73
N ILE C 163 -4.46 -3.01 23.28
CA ILE C 163 -4.04 -1.62 23.12
C ILE C 163 -3.44 -1.12 24.42
N LEU C 164 -2.23 -0.58 24.35
CA LEU C 164 -1.59 0.09 25.47
C LEU C 164 -1.08 1.43 25.01
N LYS C 165 -1.50 2.50 25.69
CA LYS C 165 -1.09 3.85 25.35
C LYS C 165 -0.38 4.46 26.54
N PHE C 166 0.87 4.85 26.36
CA PHE C 166 1.69 5.42 27.42
C PHE C 166 1.96 6.89 27.11
N PHE C 167 1.65 7.75 28.07
CA PHE C 167 1.98 9.16 27.98
C PHE C 167 3.20 9.41 28.86
N LEU C 168 4.34 9.65 28.24
CA LEU C 168 5.58 9.89 28.97
C LEU C 168 5.55 11.31 29.52
N HIS C 169 5.43 11.43 30.84
CA HIS C 169 5.22 12.70 31.50
C HIS C 169 6.56 13.25 31.98
N ILE C 170 6.92 14.43 31.46
CA ILE C 170 8.12 15.13 31.89
C ILE C 170 7.73 16.53 32.33
N SER C 171 8.52 17.11 33.23
CA SER C 171 8.23 18.44 33.72
C SER C 171 8.70 19.49 32.72
N LYS C 172 8.19 20.71 32.88
CA LYS C 172 8.58 21.79 31.99
C LYS C 172 10.06 22.14 32.13
N ASP C 173 10.58 22.08 33.35
CA ASP C 173 11.98 22.40 33.57
C ASP C 173 12.89 21.31 33.01
N GLU C 174 12.50 20.05 33.17
CA GLU C 174 13.32 18.95 32.65
C GLU C 174 13.43 19.00 31.14
N GLN C 175 12.38 19.45 30.45
CA GLN C 175 12.44 19.57 29.00
C GLN C 175 13.47 20.60 28.57
N ARG C 176 13.55 21.72 29.29
CA ARG C 176 14.53 22.75 28.96
C ARG C 176 15.95 22.21 29.06
N GLN C 177 16.19 21.31 30.01
CA GLN C 177 17.51 20.70 30.14
C GLN C 177 17.79 19.73 29.00
N ARG C 178 16.81 18.90 28.64
CA ARG C 178 17.03 17.88 27.62
C ARG C 178 17.22 18.50 26.24
N LEU C 179 16.49 19.59 25.94
CA LEU C 179 16.62 20.21 24.63
C LEU C 179 17.93 20.98 24.50
N GLN C 180 18.40 21.60 25.59
CA GLN C 180 19.70 22.27 25.54
C GLN C 180 20.82 21.25 25.41
N GLU C 181 20.66 20.07 26.02
CA GLU C 181 21.62 19.00 25.85
C GLU C 181 21.70 18.55 24.39
N ARG C 182 20.57 18.60 23.67
CA ARG C 182 20.56 18.23 22.27
C ARG C 182 21.43 19.15 21.43
N LEU C 183 21.50 20.44 21.79
CA LEU C 183 22.34 21.36 21.03
C LEU C 183 23.82 21.10 21.30
N ASP C 184 24.16 20.72 22.53
CA ASP C 184 25.53 20.48 22.95
C ASP C 184 25.93 19.01 22.80
N ASN C 185 25.21 18.24 21.99
CA ASN C 185 25.51 16.84 21.76
C ASN C 185 25.93 16.67 20.32
N PRO C 186 27.19 16.30 20.04
CA PRO C 186 27.62 16.16 18.64
C PRO C 186 26.76 15.23 17.80
N GLU C 187 26.35 14.09 18.35
CA GLU C 187 25.60 13.10 17.59
C GLU C 187 24.10 13.32 17.62
N LYS C 188 23.62 14.40 18.23
CA LYS C 188 22.19 14.63 18.39
C LYS C 188 21.73 16.01 17.93
N ARG C 189 22.59 16.79 17.30
CA ARG C 189 22.18 18.11 16.81
C ARG C 189 21.17 18.02 15.67
N TRP C 190 21.08 16.87 15.01
CA TRP C 190 20.29 16.75 13.79
C TRP C 190 18.79 16.64 14.04
N LYS C 191 18.38 16.03 15.16
CA LYS C 191 16.96 15.93 15.44
C LYS C 191 16.32 17.29 15.67
N PHE C 192 17.06 18.21 16.28
CA PHE C 192 16.52 19.54 16.56
C PHE C 192 16.70 20.42 15.33
N ASP C 196 12.50 25.08 17.47
CA ASP C 196 11.05 25.24 17.46
C ASP C 196 10.55 25.92 18.72
N LEU C 197 10.41 27.25 18.66
CA LEU C 197 9.88 28.00 19.80
C LEU C 197 8.41 27.69 20.04
N GLU C 198 7.68 27.32 18.99
CA GLU C 198 6.23 27.22 19.09
C GLU C 198 5.79 26.06 19.97
N ASP C 199 6.56 24.97 20.03
CA ASP C 199 6.17 23.85 20.87
C ASP C 199 6.39 24.17 22.34
N ARG C 200 7.50 24.84 22.67
CA ARG C 200 7.72 25.25 24.05
C ARG C 200 6.79 26.40 24.45
N ARG C 201 6.60 27.36 23.55
CA ARG C 201 5.80 28.54 23.89
C ARG C 201 4.36 28.16 24.22
N LEU C 202 3.86 27.07 23.64
CA LEU C 202 2.52 26.57 23.90
C LEU C 202 2.52 25.38 24.85
N TRP C 203 3.42 25.40 25.83
CA TRP C 203 3.56 24.27 26.75
C TRP C 203 2.27 24.00 27.50
N ASP C 204 1.70 25.04 28.12
CA ASP C 204 0.50 24.85 28.94
C ASP C 204 -0.68 24.39 28.11
N ARG C 205 -0.80 24.89 26.87
CA ARG C 205 -1.90 24.45 26.01
C ARG C 205 -1.74 22.98 25.61
N TYR C 206 -0.51 22.56 25.32
CA TYR C 206 -0.27 21.15 25.05
C TYR C 206 -0.61 20.28 26.25
N GLN C 207 -0.46 20.82 27.46
CA GLN C 207 -0.81 20.04 28.65
C GLN C 207 -2.32 19.94 28.82
N GLU C 208 -3.05 21.00 28.46
CA GLU C 208 -4.51 20.92 28.48
C GLU C 208 -5.01 19.95 27.41
N ALA C 209 -4.36 19.94 26.25
CA ALA C 209 -4.75 19.02 25.18
C ALA C 209 -4.48 17.57 25.56
N TYR C 210 -3.28 17.29 26.10
CA TYR C 210 -2.96 15.93 26.51
C TYR C 210 -3.86 15.48 27.65
N GLU C 211 -4.16 16.36 28.60
CA GLU C 211 -5.06 16.00 29.69
C GLU C 211 -6.48 15.74 29.17
N ALA C 212 -6.96 16.58 28.26
CA ALA C 212 -8.30 16.37 27.71
C ALA C 212 -8.37 15.10 26.88
N ALA C 213 -7.34 14.85 26.05
CA ALA C 213 -7.31 13.64 25.24
C ALA C 213 -7.33 12.40 26.12
N ILE C 214 -6.55 12.40 27.20
CA ILE C 214 -6.52 11.25 28.11
C ILE C 214 -7.84 11.14 28.87
N ARG C 215 -8.43 12.27 29.26
CA ARG C 215 -9.69 12.23 29.98
C ARG C 215 -10.81 11.65 29.14
N GLU C 216 -10.75 11.83 27.82
CA GLU C 216 -11.83 11.40 26.94
C GLU C 216 -11.62 10.00 26.38
N THR C 217 -10.40 9.67 25.97
CA THR C 217 -10.13 8.44 25.22
C THR C 217 -9.68 7.27 26.09
N SER C 218 -9.43 7.48 27.38
CA SER C 218 -9.03 6.39 28.25
C SER C 218 -10.24 5.50 28.55
N THR C 219 -10.20 4.27 28.06
CA THR C 219 -11.29 3.31 28.22
C THR C 219 -10.76 2.03 28.85
N GLU C 220 -11.63 1.04 28.98
CA GLU C 220 -11.23 -0.26 29.50
C GLU C 220 -10.46 -1.06 28.45
N TYR C 221 -10.98 -1.11 27.23
CA TYR C 221 -10.31 -1.83 26.16
C TYR C 221 -9.04 -1.14 25.68
N ALA C 222 -8.91 0.17 25.90
CA ALA C 222 -7.72 0.91 25.52
C ALA C 222 -7.38 1.91 26.62
N PRO C 223 -6.68 1.46 27.66
CA PRO C 223 -6.38 2.34 28.79
C PRO C 223 -5.15 3.21 28.54
N TRP C 224 -5.15 4.37 29.19
CA TRP C 224 -4.00 5.27 29.18
C TRP C 224 -3.16 5.05 30.43
N TYR C 225 -1.84 5.10 30.27
CA TYR C 225 -0.89 5.03 31.37
C TYR C 225 -0.01 6.27 31.36
N VAL C 226 0.04 6.97 32.49
CA VAL C 226 0.90 8.14 32.64
C VAL C 226 2.22 7.68 33.25
N ILE C 227 3.32 7.98 32.56
CA ILE C 227 4.63 7.50 32.98
C ILE C 227 5.52 8.68 33.35
N PRO C 228 5.89 8.83 34.63
CA PRO C 228 6.87 9.87 34.99
C PRO C 228 8.22 9.63 34.33
N ALA C 229 8.58 10.50 33.38
CA ALA C 229 9.75 10.29 32.54
C ALA C 229 10.85 11.34 32.78
N ASN C 230 10.86 11.98 33.96
CA ASN C 230 11.97 12.87 34.27
C ASN C 230 13.26 12.10 34.52
N LYS C 231 13.15 10.85 34.95
CA LYS C 231 14.30 9.97 35.14
C LYS C 231 14.13 8.80 34.18
N ASN C 232 15.02 8.72 33.19
CA ASN C 232 14.91 7.69 32.14
C ASN C 232 14.87 6.29 32.72
N TRP C 233 15.63 6.04 33.80
CA TRP C 233 15.65 4.71 34.38
C TRP C 233 14.31 4.30 34.96
N TYR C 234 13.51 5.25 35.46
CA TYR C 234 12.23 4.89 36.04
C TYR C 234 11.15 4.70 34.98
N ARG C 235 11.15 5.54 33.94
CA ARG C 235 10.17 5.37 32.86
C ARG C 235 10.39 4.03 32.14
N ASN C 236 11.64 3.67 31.87
CA ASN C 236 11.92 2.43 31.14
C ASN C 236 11.50 1.20 31.93
N TRP C 237 11.61 1.25 33.26
CA TRP C 237 11.21 0.11 34.07
C TRP C 237 9.69 -0.03 34.12
N LEU C 238 8.98 1.09 34.28
CA LEU C 238 7.53 1.03 34.50
C LEU C 238 6.80 0.63 33.23
N VAL C 239 7.19 1.20 32.08
CA VAL C 239 6.57 0.79 30.82
C VAL C 239 6.86 -0.67 30.53
N SER C 240 8.07 -1.14 30.86
CA SER C 240 8.38 -2.55 30.69
C SER C 240 7.55 -3.41 31.64
N HIS C 241 7.30 -2.90 32.85
CA HIS C 241 6.51 -3.65 33.82
C HIS C 241 5.06 -3.79 33.35
N ILE C 242 4.45 -2.67 32.92
CA ILE C 242 3.07 -2.71 32.48
C ILE C 242 2.91 -3.54 31.21
N LEU C 243 3.91 -3.47 30.31
CA LEU C 243 3.82 -4.21 29.07
C LEU C 243 3.97 -5.71 29.30
N VAL C 244 4.95 -6.11 30.12
CA VAL C 244 5.14 -7.53 30.40
C VAL C 244 3.95 -8.09 31.17
N GLU C 245 3.34 -7.27 32.02
CA GLU C 245 2.18 -7.73 32.80
C GLU C 245 0.96 -7.95 31.90
N THR C 246 0.75 -7.07 30.92
CA THR C 246 -0.36 -7.24 30.00
C THR C 246 -0.11 -8.40 29.04
N LEU C 247 1.14 -8.58 28.62
CA LEU C 247 1.45 -9.70 27.73
C LEU C 247 1.28 -11.04 28.45
N GLU C 248 1.70 -11.13 29.72
CA GLU C 248 1.45 -12.35 30.48
C GLU C 248 -0.04 -12.53 30.76
N GLY C 249 -0.79 -11.43 30.84
CA GLY C 249 -2.22 -11.54 31.04
C GLY C 249 -2.95 -12.21 29.88
N LEU C 250 -2.38 -12.14 28.68
CA LEU C 250 -3.01 -12.76 27.52
C LEU C 250 -2.88 -14.28 27.53
N ALA C 251 -1.98 -14.83 28.36
CA ALA C 251 -1.87 -16.27 28.59
C ALA C 251 -1.68 -17.04 27.28
N MET C 252 -0.75 -16.59 26.46
CA MET C 252 -0.53 -17.22 25.17
C MET C 252 0.19 -18.55 25.33
N GLN C 253 -0.01 -19.44 24.35
CA GLN C 253 0.59 -20.76 24.36
C GLN C 253 1.10 -21.08 22.96
N TYR C 254 2.10 -21.94 22.90
CA TYR C 254 2.68 -22.36 21.63
C TYR C 254 1.68 -23.22 20.83
N PRO C 255 1.68 -23.09 19.51
CA PRO C 255 0.81 -23.92 18.68
C PRO C 255 1.24 -25.38 18.68
N GLN C 256 0.38 -26.22 18.07
CA GLN C 256 0.35 -27.68 17.93
C GLN C 256 0.93 -28.11 16.58
N PRO C 257 1.71 -29.19 16.55
CA PRO C 257 2.27 -29.65 15.27
C PRO C 257 1.30 -30.46 14.42
N GLU C 258 0.26 -31.04 15.00
CA GLU C 258 -0.63 -31.97 14.30
C GLU C 258 0.17 -33.15 13.72
N LYS C 263 5.91 -39.03 15.99
CA LYS C 263 7.33 -38.80 15.74
C LYS C 263 7.72 -39.32 14.35
N ILE C 264 8.71 -38.67 13.74
CA ILE C 264 9.16 -39.01 12.40
C ILE C 264 10.69 -39.04 12.39
N VAL C 265 11.26 -40.05 11.73
CA VAL C 265 12.67 -40.09 11.43
C VAL C 265 12.88 -39.44 10.07
N ILE C 266 13.67 -38.37 10.03
CA ILE C 266 13.82 -37.59 8.79
C ILE C 266 14.47 -38.44 7.71
N GLU C 267 15.69 -38.91 7.96
CA GLU C 267 16.45 -39.73 7.02
C GLU C 267 16.61 -39.02 5.67
N MET D 1 -38.20 9.07 -5.07
CA MET D 1 -37.52 10.25 -4.56
C MET D 1 -37.01 10.05 -3.14
N LYS D 2 -37.94 10.08 -2.19
CA LYS D 2 -37.61 9.94 -0.78
C LYS D 2 -38.22 8.70 -0.13
N LYS D 3 -39.10 7.99 -0.82
CA LYS D 3 -39.72 6.80 -0.25
C LYS D 3 -38.72 5.67 -0.02
N TYR D 4 -37.56 5.72 -0.66
CA TYR D 4 -36.62 4.61 -0.63
C TYR D 4 -35.47 4.80 0.36
N ARG D 5 -35.31 6.00 0.93
CA ARG D 5 -34.34 6.18 2.00
C ARG D 5 -34.95 5.69 3.31
N VAL D 6 -34.27 4.77 3.98
CA VAL D 6 -34.73 4.24 5.26
C VAL D 6 -34.22 5.15 6.37
N GLN D 7 -35.14 5.65 7.20
CA GLN D 7 -34.79 6.65 8.19
C GLN D 7 -34.06 6.00 9.37
N PRO D 8 -33.11 6.81 10.09
CA PRO D 8 -32.36 6.25 11.23
C PRO D 8 -33.20 6.17 12.50
N ASP D 9 -34.16 5.23 12.50
CA ASP D 9 -35.00 5.00 13.66
C ASP D 9 -35.04 3.56 14.13
N GLY D 10 -34.29 2.66 13.48
CA GLY D 10 -34.28 1.27 13.89
C GLY D 10 -35.60 0.54 13.69
N ARG D 11 -36.34 0.89 12.64
CA ARG D 11 -37.65 0.33 12.37
C ARG D 11 -37.71 -0.45 11.07
N PHE D 12 -36.72 -0.29 10.20
CA PHE D 12 -36.81 -0.81 8.83
C PHE D 12 -37.06 -2.31 8.79
N GLU D 13 -37.99 -2.71 7.92
CA GLU D 13 -38.29 -4.10 7.64
C GLU D 13 -38.28 -4.28 6.13
N LEU D 14 -37.56 -5.31 5.67
CA LEU D 14 -37.29 -5.43 4.24
C LEU D 14 -38.51 -5.84 3.44
N LYS D 15 -39.42 -6.62 4.03
CA LYS D 15 -40.59 -7.07 3.29
C LYS D 15 -41.52 -5.93 2.89
N ARG D 16 -41.29 -4.72 3.40
CA ARG D 16 -42.05 -3.56 2.94
C ARG D 16 -41.66 -3.18 1.51
N PHE D 17 -40.43 -3.47 1.10
CA PHE D 17 -39.96 -3.17 -0.24
C PHE D 17 -39.93 -4.44 -1.07
N ASP D 18 -40.59 -4.41 -2.21
CA ASP D 18 -40.65 -5.55 -3.12
C ASP D 18 -39.91 -5.19 -4.41
N PRO D 19 -38.99 -6.04 -4.87
CA PRO D 19 -38.19 -5.69 -6.07
C PRO D 19 -39.01 -5.36 -7.31
N ASP D 20 -40.28 -5.76 -7.39
CA ASP D 20 -41.09 -5.45 -8.56
C ASP D 20 -41.74 -4.07 -8.50
N ASP D 21 -41.54 -3.34 -7.40
CA ASP D 21 -42.10 -1.99 -7.27
C ASP D 21 -41.49 -1.04 -8.30
N THR D 22 -42.35 -0.25 -8.94
CA THR D 22 -41.91 0.77 -9.90
C THR D 22 -42.73 2.05 -9.76
N SER D 23 -43.17 2.38 -8.54
CA SER D 23 -44.13 3.44 -8.31
C SER D 23 -43.55 4.85 -8.39
N ALA D 24 -42.23 5.01 -8.47
CA ALA D 24 -41.65 6.34 -8.45
C ALA D 24 -41.58 7.02 -9.82
N PHE D 25 -41.67 6.26 -10.91
CA PHE D 25 -41.58 6.82 -12.26
C PHE D 25 -42.89 6.64 -13.00
N GLU D 26 -43.32 7.71 -13.68
CA GLU D 26 -44.53 7.70 -14.50
C GLU D 26 -44.12 7.45 -15.94
N GLY D 27 -44.27 6.21 -16.38
CA GLY D 27 -43.92 5.83 -17.74
C GLY D 27 -43.46 4.39 -17.77
N GLY D 28 -42.96 3.99 -18.95
CA GLY D 28 -42.51 2.64 -19.19
C GLY D 28 -41.00 2.55 -19.36
N LYS D 29 -40.58 1.43 -19.96
CA LYS D 29 -39.15 1.19 -20.17
C LYS D 29 -38.54 2.19 -21.15
N GLN D 30 -39.35 2.70 -22.09
CA GLN D 30 -38.82 3.60 -23.11
C GLN D 30 -38.70 5.04 -22.60
N ALA D 31 -39.54 5.45 -21.64
CA ALA D 31 -39.50 6.81 -21.14
C ALA D 31 -38.37 7.01 -20.14
N ALA D 32 -38.00 5.97 -19.41
CA ALA D 32 -36.95 6.10 -18.41
C ALA D 32 -35.56 6.15 -19.01
N LEU D 33 -35.35 5.49 -20.16
CA LEU D 33 -34.03 5.52 -20.80
C LEU D 33 -33.66 6.91 -21.29
N GLU D 34 -34.64 7.78 -21.56
CA GLU D 34 -34.33 9.17 -21.86
C GLU D 34 -34.13 9.99 -20.60
N ALA D 35 -34.87 9.69 -19.53
CA ALA D 35 -34.64 10.36 -18.25
C ALA D 35 -33.33 9.91 -17.64
N LEU D 36 -32.91 8.67 -17.90
CA LEU D 36 -31.61 8.21 -17.45
C LEU D 36 -30.49 8.95 -18.18
N ALA D 37 -30.69 9.22 -19.47
CA ALA D 37 -29.66 9.89 -20.27
C ALA D 37 -29.42 11.32 -19.79
N VAL D 38 -30.48 12.06 -19.48
CA VAL D 38 -30.30 13.44 -19.05
C VAL D 38 -29.68 13.49 -17.66
N LEU D 39 -30.03 12.54 -16.79
CA LEU D 39 -29.38 12.46 -15.48
C LEU D 39 -27.92 12.05 -15.63
N ASN D 40 -27.61 11.16 -16.57
CA ASN D 40 -26.24 10.69 -16.75
C ASN D 40 -25.32 11.81 -17.20
N ARG D 41 -25.79 12.68 -18.09
CA ARG D 41 -24.95 13.78 -18.57
C ARG D 41 -24.69 14.81 -17.48
N ARG D 42 -25.72 15.17 -16.72
CA ARG D 42 -25.53 16.09 -15.60
C ARG D 42 -24.54 15.53 -14.58
N LEU D 43 -24.54 14.20 -14.40
CA LEU D 43 -23.55 13.57 -13.54
C LEU D 43 -22.13 13.76 -14.07
N GLU D 44 -21.97 13.73 -15.39
CA GLU D 44 -20.63 13.85 -15.97
C GLU D 44 -20.00 15.19 -15.62
N LYS D 45 -20.74 16.29 -15.77
CA LYS D 45 -20.20 17.59 -15.44
C LYS D 45 -20.17 17.85 -13.93
N LEU D 46 -21.02 17.16 -13.16
CA LEU D 46 -20.95 17.30 -11.70
C LEU D 46 -19.70 16.65 -11.15
N GLN D 47 -19.27 15.53 -11.75
CA GLN D 47 -18.04 14.88 -11.31
C GLN D 47 -16.84 15.76 -11.65
N GLU D 48 -16.89 16.44 -12.80
CA GLU D 48 -15.83 17.37 -13.16
C GLU D 48 -15.80 18.56 -12.19
N LEU D 49 -16.95 18.91 -11.63
CA LEU D 49 -16.97 19.91 -10.57
C LEU D 49 -16.39 19.37 -9.28
N LEU D 50 -16.65 18.09 -8.99
CA LEU D 50 -16.07 17.45 -7.81
C LEU D 50 -14.56 17.36 -7.92
N TYR D 51 -14.06 16.94 -9.08
CA TYR D 51 -12.61 16.84 -9.27
C TYR D 51 -11.95 18.22 -9.26
N ALA D 52 -12.61 19.21 -9.87
CA ALA D 52 -12.00 20.54 -9.95
C ALA D 52 -11.94 21.20 -8.59
N GLU D 53 -13.04 21.16 -7.83
CA GLU D 53 -13.06 21.78 -6.50
C GLU D 53 -12.06 21.10 -5.58
N GLY D 54 -12.04 19.76 -5.58
CA GLY D 54 -11.07 19.01 -4.81
C GLY D 54 -11.18 19.20 -3.32
N GLN D 55 -12.40 19.21 -2.79
CA GLN D 55 -12.60 19.41 -1.36
C GLN D 55 -13.53 18.34 -0.80
N HIS D 56 -14.45 17.84 -1.62
CA HIS D 56 -15.43 16.85 -1.18
C HIS D 56 -14.97 15.44 -1.51
N LYS D 57 -15.48 14.48 -0.74
CA LYS D 57 -15.26 13.06 -0.97
C LYS D 57 -16.62 12.38 -1.08
N VAL D 58 -16.80 11.58 -2.13
CA VAL D 58 -18.08 10.93 -2.40
C VAL D 58 -17.85 9.43 -2.40
N LEU D 59 -18.57 8.73 -1.54
CA LEU D 59 -18.47 7.27 -1.42
C LEU D 59 -19.84 6.65 -1.69
N VAL D 60 -19.94 5.87 -2.74
CA VAL D 60 -21.16 5.16 -3.10
C VAL D 60 -20.94 3.68 -2.82
N VAL D 61 -21.75 3.12 -1.92
CA VAL D 61 -21.66 1.73 -1.52
C VAL D 61 -22.75 0.93 -2.22
N LEU D 62 -22.37 -0.15 -2.89
CA LEU D 62 -23.30 -1.02 -3.59
C LEU D 62 -23.25 -2.41 -2.98
N GLN D 63 -24.35 -2.83 -2.36
CA GLN D 63 -24.50 -4.18 -1.82
C GLN D 63 -25.79 -4.78 -2.34
N ALA D 64 -25.76 -6.06 -2.67
CA ALA D 64 -26.91 -6.74 -3.24
C ALA D 64 -26.65 -8.24 -3.26
N MET D 65 -27.73 -9.00 -3.39
CA MET D 65 -27.62 -10.44 -3.60
C MET D 65 -26.87 -10.72 -4.90
N ASP D 66 -26.44 -11.97 -5.05
CA ASP D 66 -25.72 -12.37 -6.25
C ASP D 66 -26.61 -12.19 -7.48
N ALA D 67 -26.02 -11.61 -8.54
CA ALA D 67 -26.70 -11.24 -9.77
C ALA D 67 -27.75 -10.16 -9.57
N GLY D 68 -27.65 -9.41 -8.48
CA GLY D 68 -28.62 -8.36 -8.21
C GLY D 68 -28.47 -7.13 -9.08
N GLY D 69 -27.39 -7.01 -9.83
CA GLY D 69 -27.17 -5.91 -10.73
C GLY D 69 -26.17 -4.87 -10.27
N LYS D 70 -25.22 -5.24 -9.41
CA LYS D 70 -24.23 -4.27 -8.95
C LYS D 70 -23.28 -3.87 -10.06
N ASP D 71 -22.76 -4.84 -10.81
CA ASP D 71 -21.88 -4.51 -11.92
C ASP D 71 -22.64 -3.79 -13.02
N GLY D 72 -23.89 -4.17 -13.25
CA GLY D 72 -24.72 -3.44 -14.20
C GLY D 72 -24.92 -2.00 -13.77
N THR D 73 -25.10 -1.77 -12.47
CA THR D 73 -25.23 -0.41 -11.96
C THR D 73 -23.94 0.37 -12.18
N ILE D 74 -22.80 -0.24 -11.91
CA ILE D 74 -21.52 0.44 -12.12
C ILE D 74 -21.34 0.76 -13.60
N ARG D 75 -21.64 -0.20 -14.48
CA ARG D 75 -21.41 -0.02 -15.90
C ARG D 75 -22.35 1.03 -16.49
N VAL D 76 -23.64 0.96 -16.16
CA VAL D 76 -24.62 1.80 -16.83
C VAL D 76 -24.67 3.20 -16.21
N VAL D 77 -24.73 3.28 -14.88
CA VAL D 77 -24.89 4.57 -14.22
C VAL D 77 -23.67 5.46 -14.46
N PHE D 78 -22.47 4.86 -14.39
CA PHE D 78 -21.22 5.60 -14.57
C PHE D 78 -20.67 5.46 -15.98
N ASP D 79 -21.55 5.29 -16.96
CA ASP D 79 -21.14 5.26 -18.36
C ASP D 79 -20.80 6.67 -18.82
N GLY D 80 -19.58 6.85 -19.30
CA GLY D 80 -19.14 8.11 -19.87
C GLY D 80 -18.41 9.04 -18.91
N VAL D 81 -18.55 8.82 -17.60
CA VAL D 81 -17.87 9.67 -16.63
C VAL D 81 -16.35 9.48 -16.76
N ASN D 82 -15.61 10.56 -16.53
CA ASN D 82 -14.17 10.55 -16.70
C ASN D 82 -13.52 9.55 -15.75
N PRO D 83 -12.75 8.58 -16.24
CA PRO D 83 -12.13 7.59 -15.34
C PRO D 83 -11.15 8.20 -14.35
N SER D 84 -10.59 9.37 -14.64
CA SER D 84 -9.62 9.98 -13.74
C SER D 84 -10.25 10.54 -12.47
N GLY D 85 -11.57 10.53 -12.36
CA GLY D 85 -12.22 11.11 -11.20
C GLY D 85 -13.08 10.15 -10.42
N VAL D 86 -13.27 8.94 -10.94
CA VAL D 86 -14.06 7.91 -10.29
C VAL D 86 -13.28 6.60 -10.32
N ARG D 87 -13.37 5.83 -9.23
CA ARG D 87 -12.61 4.60 -9.07
C ARG D 87 -13.49 3.56 -8.40
N VAL D 88 -13.37 2.30 -8.84
CA VAL D 88 -14.15 1.19 -8.32
C VAL D 88 -13.24 0.33 -7.45
N ALA D 89 -13.67 0.08 -6.21
CA ALA D 89 -12.96 -0.77 -5.27
C ALA D 89 -13.81 -2.00 -4.98
N SER D 90 -13.38 -3.15 -5.48
CA SER D 90 -14.08 -4.41 -5.30
C SER D 90 -13.49 -5.17 -4.12
N PHE D 91 -14.35 -5.70 -3.26
CA PHE D 91 -13.94 -6.41 -2.06
C PHE D 91 -14.45 -7.85 -2.15
N GLY D 92 -13.61 -8.74 -2.68
CA GLY D 92 -13.92 -10.15 -2.74
C GLY D 92 -13.62 -10.86 -1.44
N VAL D 93 -13.35 -12.16 -1.54
CA VAL D 93 -12.98 -12.94 -0.36
C VAL D 93 -11.61 -12.49 0.14
N PRO D 94 -11.40 -12.36 1.44
CA PRO D 94 -10.16 -11.77 1.94
C PRO D 94 -8.97 -12.71 1.79
N THR D 95 -7.79 -12.11 1.68
CA THR D 95 -6.53 -12.84 1.64
C THR D 95 -5.98 -13.02 3.06
N GLU D 96 -4.93 -13.83 3.17
CA GLU D 96 -4.32 -14.06 4.48
C GLU D 96 -3.73 -12.76 5.05
N GLN D 97 -3.06 -11.96 4.22
CA GLN D 97 -2.51 -10.71 4.69
C GLN D 97 -3.59 -9.70 5.08
N GLU D 98 -4.81 -9.86 4.55
CA GLU D 98 -5.93 -9.00 4.91
C GLU D 98 -6.69 -9.50 6.12
N LEU D 99 -6.67 -10.81 6.37
CA LEU D 99 -7.31 -11.35 7.57
C LEU D 99 -6.46 -11.17 8.82
N ALA D 100 -5.18 -10.86 8.66
CA ALA D 100 -4.31 -10.64 9.81
C ALA D 100 -4.65 -9.37 10.58
N ARG D 101 -5.37 -8.44 9.95
CA ARG D 101 -5.83 -7.23 10.60
C ARG D 101 -7.34 -7.29 10.77
N ASP D 102 -7.92 -6.16 11.17
CA ASP D 102 -9.37 -6.05 11.26
C ASP D 102 -10.00 -6.05 9.88
N TYR D 103 -11.30 -6.36 9.84
CA TYR D 103 -12.03 -6.37 8.58
C TYR D 103 -12.13 -4.99 7.96
N LEU D 104 -12.00 -3.93 8.77
CA LEU D 104 -12.04 -2.56 8.27
C LEU D 104 -10.70 -2.09 7.73
N TRP D 105 -9.64 -2.87 7.88
CA TRP D 105 -8.32 -2.42 7.45
C TRP D 105 -8.26 -2.28 5.93
N ARG D 106 -8.68 -3.31 5.20
CA ARG D 106 -8.60 -3.27 3.74
C ARG D 106 -9.61 -2.29 3.14
N VAL D 107 -10.77 -2.12 3.78
CA VAL D 107 -11.76 -1.21 3.22
C VAL D 107 -11.36 0.25 3.47
N HIS D 108 -10.79 0.54 4.64
CA HIS D 108 -10.38 1.91 4.93
C HIS D 108 -9.27 2.39 4.01
N GLN D 109 -8.50 1.47 3.43
CA GLN D 109 -7.47 1.85 2.47
C GLN D 109 -8.05 2.41 1.19
N GLN D 110 -9.29 2.06 0.84
CA GLN D 110 -9.89 2.45 -0.42
C GLN D 110 -10.89 3.59 -0.28
N VAL D 111 -11.01 4.18 0.90
CA VAL D 111 -11.94 5.30 1.09
C VAL D 111 -11.59 6.42 0.12
N PRO D 112 -12.57 7.15 -0.42
CA PRO D 112 -12.26 8.18 -1.42
C PRO D 112 -11.48 9.33 -0.80
N ARG D 113 -10.59 9.90 -1.62
CA ARG D 113 -9.85 11.09 -1.24
C ARG D 113 -10.65 12.34 -1.64
N LYS D 114 -10.02 13.50 -1.53
CA LYS D 114 -10.69 14.76 -1.86
C LYS D 114 -10.84 14.87 -3.37
N GLY D 115 -12.04 15.26 -3.82
CA GLY D 115 -12.28 15.38 -5.24
C GLY D 115 -12.45 14.06 -5.96
N GLU D 116 -12.72 12.98 -5.23
CA GLU D 116 -12.80 11.65 -5.82
C GLU D 116 -14.13 11.01 -5.46
N LEU D 117 -14.64 10.21 -6.39
CA LEU D 117 -15.85 9.41 -6.20
C LEU D 117 -15.45 7.94 -6.31
N VAL D 118 -15.67 7.17 -5.24
CA VAL D 118 -15.27 5.78 -5.20
C VAL D 118 -16.51 4.92 -5.08
N ILE D 119 -16.60 3.89 -5.92
CA ILE D 119 -17.70 2.93 -5.91
C ILE D 119 -17.21 1.67 -5.22
N PHE D 120 -17.86 1.29 -4.13
CA PHE D 120 -17.54 0.05 -3.42
C PHE D 120 -18.37 -1.08 -3.99
N ASP D 121 -17.77 -1.86 -4.90
CA ASP D 121 -18.39 -3.09 -5.38
C ASP D 121 -18.21 -4.12 -4.28
N ARG D 122 -19.27 -4.33 -3.48
CA ARG D 122 -19.19 -4.98 -2.18
C ARG D 122 -18.35 -4.12 -1.23
N SER D 123 -18.57 -4.27 0.06
CA SER D 123 -17.93 -3.35 1.01
C SER D 123 -17.75 -4.06 2.35
N HIS D 124 -17.49 -3.28 3.39
CA HIS D 124 -17.38 -3.79 4.75
C HIS D 124 -18.66 -4.43 5.26
N TYR D 125 -19.79 -4.21 4.58
CA TYR D 125 -21.02 -4.84 5.01
C TYR D 125 -21.03 -6.35 4.74
N GLU D 126 -20.15 -6.83 3.87
CA GLU D 126 -20.00 -8.28 3.71
C GLU D 126 -19.54 -8.95 5.00
N ASP D 127 -18.93 -8.19 5.91
CA ASP D 127 -18.48 -8.70 7.19
C ASP D 127 -19.58 -8.68 8.26
N VAL D 128 -20.83 -8.43 7.86
CA VAL D 128 -21.96 -8.57 8.77
C VAL D 128 -23.04 -9.34 8.02
N LEU D 129 -22.65 -9.92 6.88
CA LEU D 129 -23.55 -10.75 6.08
C LEU D 129 -23.00 -12.16 5.89
N VAL D 130 -22.00 -12.30 5.01
CA VAL D 130 -21.50 -13.62 4.63
C VAL D 130 -20.84 -14.31 5.81
N VAL D 131 -20.21 -13.57 6.72
CA VAL D 131 -19.63 -14.19 7.90
C VAL D 131 -20.70 -14.52 8.93
N ARG D 132 -21.83 -13.83 8.89
CA ARG D 132 -22.95 -14.13 9.78
C ARG D 132 -23.77 -15.31 9.27
N VAL D 133 -24.02 -15.35 7.95
CA VAL D 133 -24.84 -16.42 7.39
C VAL D 133 -24.09 -17.75 7.45
N LYS D 134 -22.80 -17.74 7.16
CA LYS D 134 -22.00 -18.96 7.09
C LYS D 134 -21.29 -19.28 8.40
N ASN D 135 -21.53 -18.49 9.46
CA ASN D 135 -20.98 -18.72 10.78
C ASN D 135 -19.46 -18.79 10.78
N LEU D 136 -18.83 -17.85 10.05
CA LEU D 136 -17.37 -17.78 10.08
C LEU D 136 -16.86 -17.19 11.40
N VAL D 137 -17.72 -16.48 12.13
CA VAL D 137 -17.39 -15.93 13.45
C VAL D 137 -18.57 -16.12 14.38
N PRO D 138 -18.33 -16.15 15.69
CA PRO D 138 -19.44 -16.28 16.65
C PRO D 138 -20.45 -15.15 16.49
N GLN D 139 -21.69 -15.43 16.89
CA GLN D 139 -22.74 -14.43 16.76
C GLN D 139 -22.53 -13.23 17.66
N GLN D 140 -21.85 -13.41 18.80
CA GLN D 140 -21.63 -12.28 19.70
C GLN D 140 -20.63 -11.29 19.13
N VAL D 141 -19.66 -11.75 18.34
CA VAL D 141 -18.60 -10.86 17.91
C VAL D 141 -19.04 -10.01 16.72
N TRP D 142 -19.87 -10.54 15.82
CA TRP D 142 -20.34 -9.70 14.72
C TRP D 142 -21.55 -8.86 15.11
N GLN D 143 -22.11 -9.07 16.30
CA GLN D 143 -23.15 -8.18 16.80
C GLN D 143 -22.59 -6.80 17.11
N LYS D 144 -21.30 -6.69 17.38
CA LYS D 144 -20.68 -5.43 17.76
C LYS D 144 -20.18 -4.61 16.57
N ARG D 145 -19.94 -5.25 15.42
CA ARG D 145 -19.45 -4.50 14.27
C ARG D 145 -20.52 -3.62 13.67
N TYR D 146 -21.80 -3.85 14.00
CA TYR D 146 -22.84 -2.90 13.65
C TYR D 146 -22.52 -1.54 14.25
N ARG D 147 -21.98 -1.53 15.47
CA ARG D 147 -21.57 -0.30 16.13
C ARG D 147 -20.28 0.24 15.52
N HIS D 148 -19.36 -0.66 15.13
CA HIS D 148 -18.11 -0.23 14.52
C HIS D 148 -18.37 0.51 13.21
N ILE D 149 -19.24 -0.03 12.37
CA ILE D 149 -19.51 0.58 11.07
C ILE D 149 -20.20 1.93 11.23
N ARG D 150 -21.20 2.00 12.13
CA ARG D 150 -21.89 3.27 12.36
C ARG D 150 -20.92 4.37 12.74
N GLU D 151 -19.96 4.06 13.61
CA GLU D 151 -19.01 5.07 14.07
C GLU D 151 -17.90 5.30 13.05
N PHE D 152 -17.50 4.25 12.33
CA PHE D 152 -16.54 4.41 11.25
C PHE D 152 -17.08 5.32 10.15
N GLU D 153 -18.36 5.15 9.81
CA GLU D 153 -18.95 5.98 8.77
C GLU D 153 -19.15 7.43 9.23
N ARG D 154 -19.46 7.64 10.51
CA ARG D 154 -19.53 8.99 11.02
C ARG D 154 -18.17 9.68 10.98
N MET D 155 -17.11 8.95 11.30
CA MET D 155 -15.77 9.52 11.22
C MET D 155 -15.46 9.99 9.80
N LEU D 156 -15.83 9.19 8.81
CA LEU D 156 -15.65 9.59 7.41
C LEU D 156 -16.48 10.83 7.08
N ALA D 157 -17.76 10.81 7.47
CA ALA D 157 -18.67 11.89 7.10
C ALA D 157 -18.26 13.22 7.73
N ASP D 158 -17.98 13.21 9.04
CA ASP D 158 -17.58 14.43 9.72
C ASP D 158 -16.28 15.01 9.19
N GLU D 159 -15.45 14.18 8.54
CA GLU D 159 -14.20 14.64 7.95
C GLU D 159 -14.31 14.90 6.45
N GLY D 160 -15.53 15.12 5.96
CA GLY D 160 -15.73 15.57 4.61
C GLY D 160 -16.06 14.51 3.57
N THR D 161 -16.65 13.39 3.97
CA THR D 161 -17.03 12.33 3.04
C THR D 161 -18.55 12.27 2.94
N THR D 162 -19.07 12.42 1.73
CA THR D 162 -20.49 12.24 1.47
C THR D 162 -20.74 10.78 1.12
N ILE D 163 -21.55 10.10 1.92
CA ILE D 163 -21.75 8.66 1.82
C ILE D 163 -23.13 8.36 1.27
N LEU D 164 -23.18 7.52 0.24
CA LEU D 164 -24.44 7.01 -0.32
C LEU D 164 -24.34 5.50 -0.38
N LYS D 165 -25.30 4.81 0.24
CA LYS D 165 -25.31 3.35 0.33
C LYS D 165 -26.57 2.81 -0.32
N PHE D 166 -26.41 2.01 -1.37
CA PHE D 166 -27.52 1.47 -2.14
C PHE D 166 -27.58 -0.05 -2.00
N PHE D 167 -28.75 -0.55 -1.62
CA PHE D 167 -29.02 -1.99 -1.61
C PHE D 167 -29.93 -2.34 -2.78
N LEU D 168 -29.38 -3.00 -3.78
CA LEU D 168 -30.15 -3.40 -4.96
C LEU D 168 -30.96 -4.65 -4.63
N HIS D 169 -32.28 -4.51 -4.58
CA HIS D 169 -33.18 -5.57 -4.14
C HIS D 169 -33.74 -6.33 -5.33
N ILE D 170 -33.47 -7.63 -5.40
CA ILE D 170 -34.04 -8.49 -6.42
C ILE D 170 -34.76 -9.63 -5.72
N SER D 171 -35.78 -10.17 -6.40
CA SER D 171 -36.56 -11.25 -5.84
C SER D 171 -35.85 -12.59 -6.02
N LYS D 172 -36.31 -13.59 -5.27
CA LYS D 172 -35.73 -14.92 -5.38
C LYS D 172 -35.97 -15.53 -6.75
N ASP D 173 -37.14 -15.26 -7.34
CA ASP D 173 -37.43 -15.81 -8.66
C ASP D 173 -36.59 -15.15 -9.75
N GLU D 174 -36.39 -13.82 -9.65
CA GLU D 174 -35.58 -13.14 -10.66
C GLU D 174 -34.13 -13.60 -10.64
N GLN D 175 -33.59 -13.91 -9.46
CA GLN D 175 -32.22 -14.41 -9.38
C GLN D 175 -32.08 -15.77 -10.06
N ARG D 176 -33.09 -16.63 -9.93
CA ARG D 176 -33.00 -17.97 -10.50
C ARG D 176 -32.89 -17.91 -12.03
N GLN D 177 -33.56 -16.93 -12.64
CA GLN D 177 -33.44 -16.76 -14.09
C GLN D 177 -32.04 -16.28 -14.46
N ARG D 178 -31.53 -15.28 -13.73
CA ARG D 178 -30.24 -14.70 -14.08
C ARG D 178 -29.09 -15.68 -13.85
N LEU D 179 -29.17 -16.53 -12.83
CA LEU D 179 -28.13 -17.53 -12.65
C LEU D 179 -28.21 -18.59 -13.74
N GLN D 180 -29.43 -18.94 -14.14
CA GLN D 180 -29.60 -19.84 -15.28
C GLN D 180 -29.25 -19.13 -16.58
N GLU D 181 -29.57 -17.84 -16.69
CA GLU D 181 -29.21 -17.06 -17.86
C GLU D 181 -27.69 -16.93 -17.99
N ARG D 182 -27.00 -16.76 -16.84
CA ARG D 182 -25.54 -16.72 -16.88
C ARG D 182 -24.96 -18.07 -17.29
N LEU D 183 -25.65 -19.16 -16.93
CA LEU D 183 -25.20 -20.49 -17.35
C LEU D 183 -25.43 -20.71 -18.83
N ASP D 184 -26.51 -20.14 -19.39
CA ASP D 184 -26.84 -20.32 -20.79
C ASP D 184 -26.28 -19.21 -21.68
N ASN D 185 -25.31 -18.46 -21.20
CA ASN D 185 -24.69 -17.38 -21.99
C ASN D 185 -23.22 -17.70 -22.23
N PRO D 186 -22.80 -17.92 -23.47
CA PRO D 186 -21.38 -18.20 -23.74
C PRO D 186 -20.43 -17.14 -23.19
N GLU D 187 -20.81 -15.87 -23.28
CA GLU D 187 -19.93 -14.77 -22.88
C GLU D 187 -20.07 -14.39 -21.41
N LYS D 188 -20.85 -15.13 -20.63
CA LYS D 188 -21.13 -14.75 -19.25
C LYS D 188 -21.00 -15.90 -18.24
N ARG D 189 -20.73 -17.12 -18.68
CA ARG D 189 -20.68 -18.24 -17.72
C ARG D 189 -19.49 -18.14 -16.78
N TRP D 190 -18.39 -17.52 -17.23
CA TRP D 190 -17.17 -17.48 -16.42
C TRP D 190 -17.44 -16.92 -15.03
N LYS D 191 -18.44 -16.02 -14.90
CA LYS D 191 -18.79 -15.47 -13.60
C LYS D 191 -19.30 -16.56 -12.66
N PHE D 192 -19.95 -17.58 -13.20
CA PHE D 192 -20.48 -18.67 -12.40
C PHE D 192 -19.41 -19.70 -12.09
N MET D 194 -20.69 -23.37 -8.83
CA MET D 194 -21.03 -24.17 -7.66
C MET D 194 -20.92 -23.34 -6.38
N GLY D 195 -19.95 -22.43 -6.35
CA GLY D 195 -19.80 -21.55 -5.22
C GLY D 195 -20.89 -20.49 -5.11
N ASP D 196 -21.55 -20.18 -6.23
CA ASP D 196 -22.64 -19.21 -6.22
C ASP D 196 -23.98 -19.85 -5.91
N LEU D 197 -24.14 -21.14 -6.19
CA LEU D 197 -25.39 -21.84 -5.89
C LEU D 197 -25.53 -22.19 -4.42
N GLU D 198 -24.42 -22.25 -3.67
CA GLU D 198 -24.52 -22.50 -2.24
C GLU D 198 -25.18 -21.33 -1.51
N ASP D 199 -24.95 -20.10 -1.99
CA ASP D 199 -25.61 -18.94 -1.41
C ASP D 199 -27.11 -18.96 -1.65
N ARG D 200 -27.54 -19.48 -2.81
CA ARG D 200 -28.96 -19.60 -3.09
C ARG D 200 -29.64 -20.57 -2.13
N ARG D 201 -28.91 -21.59 -1.67
CA ARG D 201 -29.43 -22.50 -0.65
C ARG D 201 -29.72 -21.77 0.65
N LEU D 202 -29.13 -20.59 0.86
CA LEU D 202 -29.27 -19.79 2.07
C LEU D 202 -29.90 -18.43 1.77
N TRP D 203 -30.89 -18.42 0.86
CA TRP D 203 -31.48 -17.17 0.41
C TRP D 203 -32.10 -16.38 1.56
N ASP D 204 -32.92 -17.04 2.38
CA ASP D 204 -33.65 -16.32 3.42
C ASP D 204 -32.70 -15.70 4.45
N ARG D 205 -31.67 -16.44 4.85
CA ARG D 205 -30.77 -15.95 5.88
C ARG D 205 -29.90 -14.79 5.40
N TYR D 206 -29.68 -14.66 4.10
CA TYR D 206 -29.05 -13.46 3.58
C TYR D 206 -29.99 -12.26 3.62
N GLN D 207 -31.30 -12.51 3.47
CA GLN D 207 -32.26 -11.40 3.52
C GLN D 207 -32.46 -10.91 4.94
N GLU D 208 -32.43 -11.82 5.93
CA GLU D 208 -32.48 -11.40 7.32
C GLU D 208 -31.20 -10.64 7.70
N ALA D 209 -30.05 -11.06 7.15
CA ALA D 209 -28.80 -10.37 7.44
C ALA D 209 -28.82 -8.95 6.87
N TYR D 210 -29.27 -8.80 5.62
CA TYR D 210 -29.37 -7.47 5.03
C TYR D 210 -30.35 -6.60 5.80
N GLU D 211 -31.45 -7.18 6.28
CA GLU D 211 -32.42 -6.42 7.04
C GLU D 211 -31.81 -5.89 8.34
N ALA D 212 -31.06 -6.73 9.04
CA ALA D 212 -30.44 -6.29 10.29
C ALA D 212 -29.35 -5.25 10.02
N ALA D 213 -28.51 -5.49 9.01
CA ALA D 213 -27.45 -4.54 8.70
C ALA D 213 -28.01 -3.18 8.30
N ILE D 214 -29.05 -3.17 7.46
CA ILE D 214 -29.63 -1.90 7.03
C ILE D 214 -30.35 -1.20 8.17
N ARG D 215 -31.13 -1.95 8.95
CA ARG D 215 -31.88 -1.34 10.04
C ARG D 215 -30.96 -0.73 11.09
N GLU D 216 -29.82 -1.37 11.36
CA GLU D 216 -28.90 -0.89 12.38
C GLU D 216 -28.02 0.23 11.86
N THR D 217 -27.53 0.13 10.62
CA THR D 217 -26.51 1.03 10.12
C THR D 217 -27.07 2.23 9.37
N SER D 218 -28.39 2.31 9.19
CA SER D 218 -28.97 3.46 8.51
C SER D 218 -28.91 4.67 9.42
N THR D 219 -28.11 5.66 9.02
CA THR D 219 -27.90 6.88 9.78
C THR D 219 -28.19 8.09 8.90
N GLU D 220 -28.37 9.24 9.53
CA GLU D 220 -28.61 10.47 8.76
C GLU D 220 -27.37 10.93 8.03
N TYR D 221 -26.18 10.57 8.54
CA TYR D 221 -24.93 10.91 7.86
C TYR D 221 -24.54 9.86 6.83
N ALA D 222 -25.01 8.62 6.97
CA ALA D 222 -24.73 7.56 6.01
C ALA D 222 -26.01 6.75 5.82
N PRO D 223 -26.91 7.21 4.96
CA PRO D 223 -28.20 6.54 4.80
C PRO D 223 -28.14 5.37 3.83
N TRP D 224 -29.04 4.43 4.03
CA TRP D 224 -29.24 3.31 3.13
C TRP D 224 -30.38 3.62 2.16
N TYR D 225 -30.21 3.21 0.90
CA TYR D 225 -31.24 3.32 -0.11
C TYR D 225 -31.54 1.93 -0.67
N VAL D 226 -32.82 1.55 -0.62
CA VAL D 226 -33.26 0.28 -1.20
C VAL D 226 -33.75 0.54 -2.61
N ILE D 227 -33.15 -0.16 -3.57
CA ILE D 227 -33.45 0.06 -4.98
C ILE D 227 -34.08 -1.20 -5.56
N PRO D 228 -35.35 -1.17 -5.96
CA PRO D 228 -35.94 -2.33 -6.65
C PRO D 228 -35.22 -2.63 -7.95
N ALA D 229 -34.49 -3.75 -7.99
CA ALA D 229 -33.60 -4.05 -9.11
C ALA D 229 -34.09 -5.22 -9.95
N ASN D 230 -35.38 -5.55 -9.87
CA ASN D 230 -35.94 -6.53 -10.79
C ASN D 230 -36.07 -6.00 -12.20
N LYS D 231 -36.15 -4.68 -12.35
CA LYS D 231 -36.21 -4.02 -13.66
C LYS D 231 -34.94 -3.19 -13.82
N ASN D 232 -34.06 -3.62 -14.72
CA ASN D 232 -32.78 -2.93 -14.90
C ASN D 232 -32.99 -1.46 -15.28
N TRP D 233 -34.00 -1.18 -16.11
CA TRP D 233 -34.23 0.20 -16.54
C TRP D 233 -34.66 1.08 -15.36
N TYR D 234 -35.39 0.52 -14.40
CA TYR D 234 -35.82 1.30 -13.24
C TYR D 234 -34.72 1.39 -12.19
N ARG D 235 -33.96 0.31 -12.00
CA ARG D 235 -32.85 0.33 -11.06
C ARG D 235 -31.80 1.35 -11.47
N ASN D 236 -31.44 1.38 -12.75
CA ASN D 236 -30.39 2.29 -13.21
C ASN D 236 -30.82 3.75 -13.09
N TRP D 237 -32.11 4.04 -13.26
CA TRP D 237 -32.57 5.43 -13.19
C TRP D 237 -32.55 5.97 -11.78
N LEU D 238 -32.98 5.17 -10.80
CA LEU D 238 -33.18 5.69 -9.45
C LEU D 238 -31.85 6.00 -8.75
N VAL D 239 -30.85 5.12 -8.92
CA VAL D 239 -29.53 5.43 -8.35
C VAL D 239 -28.95 6.68 -9.02
N SER D 240 -29.20 6.85 -10.32
CA SER D 240 -28.71 8.05 -10.99
C SER D 240 -29.41 9.30 -10.46
N HIS D 241 -30.71 9.21 -10.16
CA HIS D 241 -31.43 10.38 -9.67
C HIS D 241 -30.96 10.79 -8.28
N ILE D 242 -30.89 9.84 -7.35
CA ILE D 242 -30.54 10.18 -5.97
C ILE D 242 -29.09 10.65 -5.90
N LEU D 243 -28.21 10.05 -6.70
CA LEU D 243 -26.80 10.43 -6.67
C LEU D 243 -26.58 11.81 -7.28
N VAL D 244 -27.23 12.09 -8.42
CA VAL D 244 -27.07 13.40 -9.04
C VAL D 244 -27.66 14.49 -8.16
N GLU D 245 -28.80 14.21 -7.51
CA GLU D 245 -29.37 15.18 -6.59
C GLU D 245 -28.47 15.41 -5.39
N THR D 246 -27.75 14.37 -4.95
CA THR D 246 -26.88 14.52 -3.80
C THR D 246 -25.62 15.30 -4.15
N LEU D 247 -25.08 15.08 -5.36
CA LEU D 247 -23.92 15.84 -5.78
C LEU D 247 -24.26 17.31 -5.96
N GLU D 248 -25.42 17.61 -6.53
CA GLU D 248 -25.86 18.99 -6.64
C GLU D 248 -26.15 19.58 -5.26
N GLY D 249 -26.52 18.75 -4.29
CA GLY D 249 -26.73 19.23 -2.94
C GLY D 249 -25.48 19.76 -2.28
N LEU D 250 -24.31 19.27 -2.71
CA LEU D 250 -23.05 19.76 -2.15
C LEU D 250 -22.68 21.14 -2.65
N ALA D 251 -23.32 21.60 -3.73
CA ALA D 251 -23.18 22.97 -4.24
C ALA D 251 -21.72 23.32 -4.52
N MET D 252 -21.01 22.40 -5.17
CA MET D 252 -19.61 22.63 -5.46
C MET D 252 -19.45 23.61 -6.62
N GLN D 253 -18.33 24.33 -6.61
CA GLN D 253 -18.05 25.33 -7.63
C GLN D 253 -16.58 25.26 -8.03
N TYR D 254 -16.30 25.74 -9.23
CA TYR D 254 -14.93 25.76 -9.75
C TYR D 254 -14.06 26.71 -8.94
N PRO D 255 -12.79 26.39 -8.74
CA PRO D 255 -11.90 27.30 -8.02
C PRO D 255 -11.60 28.56 -8.83
N GLN D 256 -11.01 29.53 -8.14
CA GLN D 256 -10.59 30.87 -8.50
C GLN D 256 -9.08 30.90 -8.74
N PRO D 257 -8.60 31.77 -9.66
CA PRO D 257 -7.18 32.03 -9.89
C PRO D 257 -6.34 32.13 -8.61
N LYS D 263 -3.68 40.53 -16.18
CA LYS D 263 -4.04 39.48 -17.13
C LYS D 263 -2.81 38.96 -17.86
N ILE D 264 -2.67 37.65 -17.92
CA ILE D 264 -1.49 37.01 -18.49
C ILE D 264 -1.71 36.77 -19.99
N VAL D 265 -0.64 36.95 -20.76
CA VAL D 265 -0.64 36.64 -22.19
C VAL D 265 0.65 35.88 -22.50
N ILE D 266 0.56 34.91 -23.40
CA ILE D 266 1.70 34.07 -23.74
C ILE D 266 2.45 34.67 -24.93
P PO4 E . -3.21 17.78 -20.99
O1 PO4 E . -4.27 18.45 -21.93
O2 PO4 E . -2.29 16.85 -21.82
O3 PO4 E . -3.95 16.94 -19.91
O4 PO4 E . -2.36 18.88 -20.30
P PO4 F . -9.58 21.13 -38.33
O1 PO4 F . -11.10 21.35 -38.03
O2 PO4 F . -9.36 19.76 -39.07
O3 PO4 F . -9.14 22.26 -39.25
O4 PO4 F . -8.71 21.19 -37.03
P PO4 G . -10.64 19.76 -33.07
O1 PO4 G . -11.84 20.63 -33.54
O2 PO4 G . -9.65 19.56 -34.25
O3 PO4 G . -11.15 18.36 -32.59
O4 PO4 G . -9.91 20.46 -31.89
P PO4 H . -9.26 19.40 -21.60
O1 PO4 H . -10.63 18.68 -21.74
O2 PO4 H . -9.32 20.78 -22.30
O3 PO4 H . -8.15 18.53 -22.26
O4 PO4 H . -8.95 19.60 -20.09
P PO4 I . 15.69 -20.40 9.14
O1 PO4 I . 14.71 -21.26 8.28
O2 PO4 I . 14.98 -19.11 9.62
O3 PO4 I . 16.93 -20.03 8.28
O4 PO4 I . 16.14 -21.23 10.38
P1 DPO J . 33.88 -25.50 15.43
O1 DPO J . 32.72 -24.62 14.99
O2 DPO J . 34.42 -26.36 14.29
O3 DPO J . 35.00 -24.63 16.02
O4 DPO J . 33.34 -26.36 16.79
P2 DPO J . 31.89 -27.19 17.05
O5 DPO J . 30.61 -26.39 16.87
O6 DPO J . 32.06 -27.72 18.49
O7 DPO J . 31.82 -28.34 16.10
P1 DPO K . 26.82 -24.73 16.37
O1 DPO K . 25.82 -25.26 15.34
O2 DPO K . 26.76 -25.54 17.68
O3 DPO K . 28.24 -24.83 15.78
O4 DPO K . 26.62 -23.04 16.62
P2 DPO K . 26.55 -22.09 18.04
O5 DPO K . 25.13 -22.10 18.64
O6 DPO K . 27.49 -22.83 19.00
O7 DPO K . 27.05 -20.66 17.84
P PO4 L . 11.72 12.23 22.02
O1 PO4 L . 11.02 13.42 21.32
O2 PO4 L . 11.67 10.97 21.12
O3 PO4 L . 13.21 12.60 22.31
O4 PO4 L . 10.99 11.93 23.37
P PO4 M . 19.16 8.26 33.25
O1 PO4 M . 19.41 7.82 31.78
O2 PO4 M . 18.64 7.06 34.08
O3 PO4 M . 18.10 9.41 33.27
O4 PO4 M . 20.50 8.79 33.87
P PO4 N . -24.03 -8.45 -9.86
O1 PO4 N . -24.71 -8.83 -11.21
O2 PO4 N . -25.01 -7.58 -9.02
O3 PO4 N . -22.74 -7.65 -10.13
O4 PO4 N . -23.69 -9.74 -9.06
P PO4 O . -34.33 -3.87 -19.93
O1 PO4 O . -35.05 -3.35 -21.20
O2 PO4 O . -33.61 -5.21 -20.28
O3 PO4 O . -33.29 -2.82 -19.46
O4 PO4 O . -35.38 -4.12 -18.80
P PO4 P . -23.97 -8.57 -16.33
O1 PO4 P . -24.95 -7.54 -16.98
O2 PO4 P . -22.52 -8.29 -16.81
O3 PO4 P . -24.39 -10.01 -16.75
O4 PO4 P . -24.03 -8.45 -14.78
#